data_9FKI
#
_entry.id   9FKI
#
_cell.length_a   169.603
_cell.length_b   81.376
_cell.length_c   79.529
_cell.angle_alpha   90.000
_cell.angle_beta   91.945
_cell.angle_gamma   90.000
#
_symmetry.space_group_name_H-M   'C 1 2 1'
#
loop_
_entity.id
_entity.type
_entity.pdbx_description
1 polymer Beta-xylanase
2 branched beta-D-xylopyranose-(1-4)-1-fluoro-D-xylopyranose
3 water water
#
_entity_poly.entity_id   1
_entity_poly.type   'polypeptide(L)'
_entity_poly.pdbx_seq_one_letter_code
;MNSSLPSLRDVFANDFRIGAAVNPVTIEMQKQLLIDHVNSITAENHMKFEHLQPEEGKFTFQEADRIVDFACSHRMAVRG
HTLVWHNQTPDWVFQDGQGHFVSRDVLLERMKCHISTVVRRYKGKIYCWDVINEAVADEGNELLRPSKWRQIIGDDFMEQ
AFLYAYEADPDALLFYNDYNECFPEKREKIFALVKSLRDKGIPIHGIGMQAHWSLTRPSLDEIRAAIERYASLGVVLHIT
GLDVSMFEFHDRRTDLAAPTSEMIERQAERYGQIFALFKEYRDVIQSVTFWGIADDHTWLDNFPVHGRKNWPLLFDEQHK
PKPAFWRAVSV
;
_entity_poly.pdbx_strand_id   A,B
#
loop_
_chem_comp.id
_chem_comp.type
_chem_comp.name
_chem_comp.formula
A1ID6 D-saccharide 1-fluoro-D-xylopyranose 'C5 H9 F O4'
XYP D-saccharide, beta linking beta-D-xylopyranose 'C5 H10 O5'
#
# COMPACT_ATOMS: atom_id res chain seq x y z
N SER A 3 8.15 1.79 -13.67
CA SER A 3 8.09 3.22 -13.91
C SER A 3 7.00 3.86 -13.06
N SER A 4 5.90 3.13 -12.87
CA SER A 4 4.87 3.58 -11.95
C SER A 4 5.03 2.95 -10.57
N LEU A 5 6.09 2.17 -10.36
CA LEU A 5 6.41 1.61 -9.04
C LEU A 5 6.98 2.70 -8.13
N PRO A 6 6.52 2.80 -6.89
CA PRO A 6 7.15 3.75 -5.96
C PRO A 6 8.59 3.38 -5.66
N SER A 7 9.38 4.39 -5.33
CA SER A 7 10.78 4.20 -4.98
C SER A 7 10.91 4.17 -3.45
N LEU A 8 11.47 3.08 -2.94
CA LEU A 8 11.60 2.88 -1.50
C LEU A 8 12.17 4.12 -0.81
N ARG A 9 13.29 4.66 -1.31
CA ARG A 9 13.90 5.80 -0.63
C ARG A 9 12.99 7.03 -0.66
N ASP A 10 12.22 7.22 -1.73
CA ASP A 10 11.29 8.36 -1.76
C ASP A 10 10.11 8.14 -0.85
N VAL A 11 9.53 6.93 -0.88
CA VAL A 11 8.43 6.61 0.04
C VAL A 11 8.82 6.98 1.47
N PHE A 12 10.04 6.62 1.89
CA PHE A 12 10.47 6.85 3.26
C PHE A 12 11.38 8.09 3.40
N ALA A 13 11.35 8.99 2.42
CA ALA A 13 12.20 10.18 2.42
C ALA A 13 12.19 10.89 3.77
N ASN A 14 11.03 11.04 4.40
CA ASN A 14 10.93 11.79 5.64
C ASN A 14 11.11 10.93 6.90
N ASP A 15 11.41 9.64 6.74
CA ASP A 15 11.48 8.70 7.84
C ASP A 15 12.88 8.17 8.09
N PHE A 16 13.52 7.59 7.09
CA PHE A 16 14.85 7.01 7.25
C PHE A 16 15.39 6.67 5.86
N ARG A 17 16.71 6.58 5.77
CA ARG A 17 17.31 6.08 4.54
C ARG A 17 16.97 4.61 4.36
N ILE A 18 17.05 4.15 3.10
CA ILE A 18 16.84 2.76 2.72
C ILE A 18 18.14 2.24 2.12
N GLY A 19 18.62 1.10 2.62
CA GLY A 19 19.92 0.60 2.25
C GLY A 19 19.88 -0.83 1.76
N ALA A 20 21.01 -1.26 1.22
CA ALA A 20 21.18 -2.63 0.73
C ALA A 20 22.64 -3.05 0.93
N ALA A 21 22.84 -4.29 1.34
CA ALA A 21 24.18 -4.87 1.38
C ALA A 21 24.55 -5.42 0.01
N VAL A 22 25.75 -5.10 -0.47
CA VAL A 22 26.17 -5.44 -1.84
C VAL A 22 27.60 -5.93 -1.85
N ASN A 23 27.97 -6.53 -2.97
CA ASN A 23 29.36 -6.76 -3.37
C ASN A 23 29.46 -6.36 -4.83
N PRO A 24 30.68 -6.35 -5.42
CA PRO A 24 30.78 -5.89 -6.81
C PRO A 24 30.00 -6.75 -7.82
N VAL A 25 29.88 -8.06 -7.59
CA VAL A 25 28.99 -8.87 -8.43
C VAL A 25 27.54 -8.38 -8.34
N THR A 26 26.97 -8.34 -7.13
CA THR A 26 25.56 -8.02 -7.03
C THR A 26 25.26 -6.59 -7.43
N ILE A 27 26.24 -5.68 -7.31
CA ILE A 27 26.02 -4.33 -7.84
C ILE A 27 25.72 -4.41 -9.34
N GLU A 28 26.47 -5.23 -10.08
CA GLU A 28 26.19 -5.43 -11.49
C GLU A 28 24.85 -6.13 -11.70
N MET A 29 24.62 -7.23 -10.98
CA MET A 29 23.46 -8.08 -11.23
C MET A 29 22.16 -7.42 -10.80
N GLN A 30 22.21 -6.47 -9.86
CA GLN A 30 21.01 -5.85 -9.31
C GLN A 30 21.05 -4.33 -9.46
N LYS A 31 21.79 -3.86 -10.46
CA LYS A 31 22.14 -2.43 -10.52
C LYS A 31 20.90 -1.54 -10.60
N GLN A 32 19.88 -1.94 -11.36
CA GLN A 32 18.74 -1.05 -11.57
C GLN A 32 17.87 -0.97 -10.33
N LEU A 33 17.66 -2.09 -9.63
CA LEU A 33 16.97 -2.05 -8.36
C LEU A 33 17.62 -1.05 -7.41
N LEU A 34 18.96 -1.16 -7.27
CA LEU A 34 19.70 -0.29 -6.37
C LEU A 34 19.51 1.17 -6.77
N ILE A 35 19.72 1.49 -8.04
CA ILE A 35 19.57 2.88 -8.50
C ILE A 35 18.15 3.38 -8.28
N ASP A 36 17.15 2.50 -8.50
CA ASP A 36 15.77 2.96 -8.36
C ASP A 36 15.33 3.08 -6.90
N HIS A 37 15.94 2.35 -5.96
CA HIS A 37 15.30 2.27 -4.65
C HIS A 37 16.12 2.74 -3.46
N VAL A 38 17.46 2.51 -3.41
CA VAL A 38 18.21 2.74 -2.16
C VAL A 38 18.94 4.07 -2.21
N ASN A 39 19.13 4.68 -1.02
CA ASN A 39 20.08 5.80 -0.88
C ASN A 39 21.15 5.49 0.17
N SER A 40 21.40 4.20 0.43
CA SER A 40 22.46 3.74 1.33
C SER A 40 22.94 2.38 0.90
N ILE A 41 24.24 2.15 1.13
CA ILE A 41 24.93 0.94 0.69
C ILE A 41 25.81 0.44 1.84
N THR A 42 25.84 -0.86 2.01
CA THR A 42 26.75 -1.53 2.93
C THR A 42 27.45 -2.64 2.17
N ALA A 43 28.73 -2.86 2.46
CA ALA A 43 29.46 -4.00 1.91
C ALA A 43 29.07 -5.25 2.68
N GLU A 44 28.53 -6.24 1.96
CA GLU A 44 28.13 -7.48 2.60
C GLU A 44 29.33 -8.22 3.19
N ASN A 45 30.48 -8.17 2.51
CA ASN A 45 31.65 -8.89 3.01
C ASN A 45 32.97 -8.14 2.82
N HIS A 46 33.09 -7.22 1.88
CA HIS A 46 34.39 -6.76 1.43
C HIS A 46 34.97 -5.60 2.24
N MET A 47 34.37 -5.26 3.37
CA MET A 47 35.01 -4.39 4.34
C MET A 47 35.22 -5.11 5.66
N LYS A 48 35.07 -6.43 5.68
CA LYS A 48 35.47 -7.18 6.86
C LYS A 48 36.98 -7.37 6.87
N PHE A 49 37.52 -7.61 8.06
CA PHE A 49 38.97 -7.64 8.26
C PHE A 49 39.66 -8.59 7.26
N GLU A 50 39.12 -9.79 7.05
CA GLU A 50 39.81 -10.73 6.16
C GLU A 50 39.83 -10.27 4.70
N HIS A 51 38.95 -9.35 4.32
CA HIS A 51 38.94 -8.86 2.94
C HIS A 51 39.65 -7.52 2.79
N LEU A 52 40.12 -6.92 3.88
CA LEU A 52 40.89 -5.69 3.83
C LEU A 52 42.37 -5.88 4.17
N GLN A 53 42.70 -6.75 5.13
CA GLN A 53 44.09 -7.02 5.50
C GLN A 53 44.29 -8.52 5.64
N PRO A 54 44.28 -9.25 4.52
CA PRO A 54 44.35 -10.72 4.62
C PRO A 54 45.67 -11.20 5.19
N GLU A 55 46.74 -10.43 5.03
CA GLU A 55 48.03 -10.65 5.67
C GLU A 55 48.49 -9.34 6.27
N GLU A 56 49.32 -9.41 7.32
CA GLU A 56 49.76 -8.18 7.97
C GLU A 56 50.50 -7.28 7.00
N GLY A 57 50.06 -6.03 6.89
CA GLY A 57 50.63 -5.06 5.98
C GLY A 57 50.21 -5.21 4.53
N LYS A 58 49.41 -6.22 4.20
CA LYS A 58 48.86 -6.37 2.85
C LYS A 58 47.41 -5.92 2.86
N PHE A 59 47.16 -4.71 2.34
CA PHE A 59 45.82 -4.15 2.32
C PHE A 59 45.22 -4.32 0.92
N THR A 60 44.01 -4.86 0.87
CA THR A 60 43.32 -5.17 -0.38
C THR A 60 42.02 -4.39 -0.43
N PHE A 61 42.11 -3.12 -0.83
CA PHE A 61 40.95 -2.24 -0.86
C PHE A 61 40.17 -2.29 -2.18
N GLN A 62 40.57 -3.12 -3.15
CA GLN A 62 40.04 -2.97 -4.50
C GLN A 62 38.52 -3.13 -4.55
N GLU A 63 37.99 -4.22 -3.98
CA GLU A 63 36.54 -4.46 -4.03
C GLU A 63 35.78 -3.44 -3.19
N ALA A 64 36.27 -3.12 -2.00
CA ALA A 64 35.62 -2.08 -1.20
C ALA A 64 35.61 -0.74 -1.93
N ASP A 65 36.68 -0.45 -2.68
CA ASP A 65 36.75 0.78 -3.47
C ASP A 65 35.64 0.81 -4.53
N ARG A 66 35.40 -0.33 -5.20
CA ARG A 66 34.37 -0.39 -6.23
C ARG A 66 32.99 -0.13 -5.63
N ILE A 67 32.71 -0.70 -4.46
CA ILE A 67 31.45 -0.45 -3.76
C ILE A 67 31.31 1.03 -3.43
N VAL A 68 32.34 1.64 -2.83
CA VAL A 68 32.27 3.05 -2.48
C VAL A 68 32.11 3.93 -3.71
N ASP A 69 32.83 3.60 -4.79
CA ASP A 69 32.71 4.38 -6.02
C ASP A 69 31.29 4.35 -6.57
N PHE A 70 30.69 3.16 -6.62
CA PHE A 70 29.30 3.03 -7.03
C PHE A 70 28.39 3.92 -6.18
N ALA A 71 28.51 3.83 -4.85
CA ALA A 71 27.64 4.61 -3.98
C ALA A 71 27.81 6.11 -4.18
N CYS A 72 29.06 6.58 -4.26
CA CYS A 72 29.27 8.02 -4.44
C CYS A 72 28.79 8.50 -5.81
N SER A 73 28.90 7.67 -6.83
CA SER A 73 28.46 8.10 -8.15
C SER A 73 26.94 8.08 -8.28
N HIS A 74 26.21 7.57 -7.29
CA HIS A 74 24.76 7.62 -7.31
C HIS A 74 24.19 8.29 -6.06
N ARG A 75 24.97 9.14 -5.40
CA ARG A 75 24.48 9.92 -4.27
C ARG A 75 23.89 9.01 -3.18
N MET A 76 24.53 7.87 -2.95
CA MET A 76 24.14 6.97 -1.87
C MET A 76 25.12 7.10 -0.71
N ALA A 77 24.59 7.10 0.50
CA ALA A 77 25.45 7.00 1.67
C ALA A 77 26.05 5.60 1.77
N VAL A 78 27.07 5.43 2.63
CA VAL A 78 27.72 4.15 2.84
C VAL A 78 27.89 3.90 4.33
N ARG A 79 27.50 2.72 4.79
CA ARG A 79 27.77 2.26 6.15
C ARG A 79 28.97 1.34 6.08
N GLY A 80 29.93 1.53 6.98
CA GLY A 80 31.12 0.69 7.01
C GLY A 80 30.90 -0.51 7.91
N HIS A 81 31.20 -1.70 7.39
CA HIS A 81 30.96 -2.96 8.09
C HIS A 81 32.09 -3.92 7.76
N THR A 82 32.89 -4.36 8.74
CA THR A 82 32.88 -3.99 10.15
C THR A 82 34.33 -4.14 10.65
N LEU A 83 34.71 -3.46 11.74
CA LEU A 83 36.11 -3.42 12.14
C LEU A 83 36.51 -4.60 13.03
N VAL A 84 35.87 -4.76 14.18
CA VAL A 84 36.28 -5.75 15.17
C VAL A 84 35.14 -6.75 15.37
N TRP A 85 35.38 -8.00 14.98
CA TRP A 85 34.38 -9.07 14.99
C TRP A 85 35.07 -10.39 15.28
N HIS A 86 34.36 -11.31 15.94
CA HIS A 86 34.92 -12.64 16.20
C HIS A 86 34.96 -13.53 14.96
N ASN A 87 34.29 -13.15 13.87
CA ASN A 87 34.37 -13.93 12.64
C ASN A 87 35.16 -13.17 11.57
N GLN A 88 35.42 -13.89 10.47
CA GLN A 88 36.04 -13.36 9.27
C GLN A 88 37.23 -12.46 9.59
N THR A 89 38.05 -12.88 10.55
CA THR A 89 39.29 -12.20 10.91
C THR A 89 40.42 -13.21 10.82
N PRO A 90 41.49 -12.93 10.05
CA PRO A 90 42.54 -13.93 9.84
C PRO A 90 43.29 -14.29 11.12
N ASP A 91 43.91 -15.48 11.11
CA ASP A 91 44.63 -15.95 12.29
C ASP A 91 45.85 -15.11 12.61
N TRP A 92 46.49 -14.52 11.59
CA TRP A 92 47.74 -13.80 11.86
C TRP A 92 47.54 -12.70 12.89
N VAL A 93 46.34 -12.11 12.93
CA VAL A 93 46.03 -11.01 13.83
C VAL A 93 46.35 -11.33 15.28
N PHE A 94 46.17 -12.59 15.69
CA PHE A 94 46.28 -12.94 17.09
C PHE A 94 47.59 -13.66 17.41
N GLN A 95 48.41 -13.94 16.39
CA GLN A 95 49.57 -14.83 16.49
C GLN A 95 50.87 -14.04 16.37
N ASP A 96 51.94 -14.64 16.90
CA ASP A 96 53.30 -14.19 16.63
C ASP A 96 53.93 -15.10 15.58
N GLY A 97 55.21 -14.87 15.30
CA GLY A 97 55.91 -15.73 14.35
C GLY A 97 55.93 -17.19 14.76
N GLN A 98 55.74 -17.48 16.05
CA GLN A 98 55.93 -18.82 16.59
C GLN A 98 54.61 -19.56 16.85
N GLY A 99 53.48 -19.02 16.39
CA GLY A 99 52.20 -19.68 16.57
C GLY A 99 51.49 -19.39 17.89
N HIS A 100 52.17 -18.78 18.86
CA HIS A 100 51.56 -18.43 20.13
C HIS A 100 50.65 -17.21 19.96
N PHE A 101 49.94 -16.87 21.02
CA PHE A 101 49.11 -15.67 21.02
C PHE A 101 49.95 -14.45 21.39
N VAL A 102 49.67 -13.32 20.75
CA VAL A 102 50.36 -12.07 21.03
C VAL A 102 49.84 -11.49 22.34
N SER A 103 50.49 -10.42 22.80
CA SER A 103 50.14 -9.77 24.04
C SER A 103 49.00 -8.77 23.85
N ARG A 104 48.47 -8.28 24.98
CA ARG A 104 47.50 -7.21 24.95
C ARG A 104 48.01 -6.01 24.16
N ASP A 105 49.25 -5.58 24.43
CA ASP A 105 49.78 -4.38 23.79
C ASP A 105 49.95 -4.57 22.28
N VAL A 106 50.36 -5.76 21.86
CA VAL A 106 50.58 -6.01 20.44
C VAL A 106 49.25 -6.08 19.69
N LEU A 107 48.26 -6.80 20.23
CA LEU A 107 46.96 -6.84 19.57
C LEU A 107 46.33 -5.45 19.51
N LEU A 108 46.54 -4.62 20.53
CA LEU A 108 46.04 -3.24 20.48
C LEU A 108 46.70 -2.44 19.37
N GLU A 109 48.00 -2.62 19.14
CA GLU A 109 48.59 -1.82 18.07
C GLU A 109 48.19 -2.35 16.71
N ARG A 110 48.00 -3.67 16.57
CA ARG A 110 47.44 -4.21 15.32
C ARG A 110 46.01 -3.73 15.10
N MET A 111 45.20 -3.68 16.16
CA MET A 111 43.84 -3.19 16.03
C MET A 111 43.84 -1.72 15.65
N LYS A 112 44.65 -0.91 16.35
CA LYS A 112 44.75 0.51 16.03
C LYS A 112 45.19 0.73 14.58
N CYS A 113 46.21 0.00 14.14
CA CYS A 113 46.74 0.23 12.81
C CYS A 113 45.70 -0.09 11.74
N HIS A 114 45.02 -1.23 11.89
CA HIS A 114 43.95 -1.61 10.97
C HIS A 114 42.85 -0.55 10.93
N ILE A 115 42.29 -0.22 12.09
CA ILE A 115 41.23 0.77 12.18
C ILE A 115 41.69 2.10 11.59
N SER A 116 42.89 2.52 11.94
CA SER A 116 43.41 3.79 11.42
C SER A 116 43.49 3.77 9.90
N THR A 117 44.11 2.74 9.33
CA THR A 117 44.31 2.68 7.88
C THR A 117 42.98 2.58 7.15
N VAL A 118 42.08 1.73 7.63
CA VAL A 118 40.79 1.53 6.97
C VAL A 118 39.93 2.79 7.08
N VAL A 119 39.79 3.34 8.27
CA VAL A 119 38.85 4.46 8.46
C VAL A 119 39.38 5.72 7.78
N ARG A 120 40.70 5.95 7.83
CA ARG A 120 41.26 7.14 7.17
C ARG A 120 41.04 7.08 5.65
N ARG A 121 41.12 5.88 5.05
CA ARG A 121 40.99 5.83 3.59
C ARG A 121 39.62 6.33 3.13
N TYR A 122 38.57 6.02 3.89
CA TYR A 122 37.21 6.33 3.47
C TYR A 122 36.63 7.53 4.20
N LYS A 123 37.43 8.20 5.04
CA LYS A 123 36.98 9.38 5.75
C LYS A 123 36.37 10.38 4.78
N GLY A 124 35.20 10.92 5.15
CA GLY A 124 34.49 11.82 4.27
C GLY A 124 33.66 11.18 3.18
N LYS A 125 33.80 9.87 2.96
CA LYS A 125 32.89 9.14 2.09
C LYS A 125 31.98 8.20 2.84
N ILE A 126 32.45 7.63 3.95
CA ILE A 126 31.68 6.68 4.75
C ILE A 126 31.29 7.41 6.03
N TYR A 127 29.99 7.48 6.31
CA TYR A 127 29.52 8.32 7.40
C TYR A 127 29.33 7.60 8.73
N CYS A 128 29.41 6.28 8.75
CA CYS A 128 29.28 5.56 10.01
C CYS A 128 29.94 4.20 9.90
N TRP A 129 30.33 3.64 11.04
CA TRP A 129 31.07 2.38 11.10
C TRP A 129 30.45 1.48 12.15
N ASP A 130 30.23 0.21 11.79
CA ASP A 130 30.01 -0.84 12.78
C ASP A 130 31.37 -1.19 13.38
N VAL A 131 31.72 -0.51 14.48
CA VAL A 131 33.05 -0.72 15.07
C VAL A 131 33.14 -2.12 15.69
N ILE A 132 32.18 -2.48 16.55
CA ILE A 132 32.15 -3.77 17.23
C ILE A 132 30.94 -4.54 16.72
N ASN A 133 31.15 -5.80 16.32
CA ASN A 133 30.08 -6.64 15.79
C ASN A 133 29.89 -7.83 16.73
N GLU A 134 28.68 -7.96 17.29
CA GLU A 134 28.21 -9.21 17.91
C GLU A 134 29.07 -9.64 19.10
N ALA A 135 29.49 -8.69 19.94
CA ALA A 135 30.34 -9.05 21.08
C ALA A 135 29.53 -9.69 22.22
N VAL A 136 28.25 -9.40 22.30
CA VAL A 136 27.40 -9.92 23.37
C VAL A 136 27.09 -11.39 23.13
N ALA A 137 27.05 -12.18 24.20
CA ALA A 137 26.73 -13.60 24.12
C ALA A 137 25.30 -13.82 23.62
N ASP A 138 25.13 -14.79 22.72
CA ASP A 138 23.81 -15.11 22.17
C ASP A 138 23.06 -16.13 23.02
N GLU A 139 23.74 -16.80 23.94
CA GLU A 139 23.15 -17.81 24.82
C GLU A 139 23.89 -17.75 26.16
N GLY A 140 23.34 -18.44 27.15
CA GLY A 140 23.99 -18.49 28.44
C GLY A 140 23.69 -17.27 29.29
N ASN A 141 24.44 -17.14 30.39
CA ASN A 141 24.20 -16.05 31.31
C ASN A 141 25.34 -15.05 31.40
N GLU A 142 26.44 -15.27 30.67
CA GLU A 142 27.49 -14.28 30.64
C GLU A 142 27.11 -13.13 29.71
N LEU A 143 27.72 -11.97 29.95
CA LEU A 143 27.43 -10.81 29.12
C LEU A 143 28.05 -10.95 27.73
N LEU A 144 29.27 -11.46 27.67
CA LEU A 144 30.08 -11.39 26.46
C LEU A 144 30.37 -12.78 25.92
N ARG A 145 30.29 -12.87 24.60
CA ARG A 145 30.76 -14.01 23.85
C ARG A 145 32.27 -14.16 24.04
N PRO A 146 32.83 -15.37 23.95
CA PRO A 146 34.29 -15.51 23.91
C PRO A 146 34.82 -15.13 22.53
N SER A 147 36.01 -14.54 22.52
CA SER A 147 36.72 -14.27 21.26
C SER A 147 38.17 -13.97 21.57
N LYS A 148 39.01 -14.20 20.55
CA LYS A 148 40.43 -13.92 20.72
C LYS A 148 40.68 -12.45 21.02
N TRP A 149 39.88 -11.54 20.45
CA TRP A 149 40.00 -10.13 20.82
C TRP A 149 39.87 -9.95 22.32
N ARG A 150 38.80 -10.51 22.89
CA ARG A 150 38.50 -10.35 24.31
C ARG A 150 39.50 -11.12 25.17
N GLN A 151 39.85 -12.33 24.76
CA GLN A 151 40.80 -13.15 25.51
C GLN A 151 42.16 -12.47 25.64
N ILE A 152 42.70 -12.00 24.51
CA ILE A 152 44.06 -11.45 24.52
C ILE A 152 44.09 -10.07 25.18
N ILE A 153 43.15 -9.19 24.82
CA ILE A 153 43.22 -7.81 25.29
C ILE A 153 42.61 -7.66 26.68
N GLY A 154 41.50 -8.35 26.96
CA GLY A 154 40.67 -8.07 28.11
C GLY A 154 39.32 -7.51 27.71
N ASP A 155 38.50 -7.25 28.72
CA ASP A 155 37.11 -6.84 28.47
C ASP A 155 36.99 -5.39 27.99
N ASP A 156 38.04 -4.58 28.09
CA ASP A 156 37.99 -3.21 27.58
C ASP A 156 38.42 -3.13 26.11
N PHE A 157 38.52 -4.27 25.42
CA PHE A 157 38.90 -4.22 24.01
C PHE A 157 37.91 -3.43 23.19
N MET A 158 36.65 -3.36 23.62
CA MET A 158 35.65 -2.63 22.85
C MET A 158 35.83 -1.13 23.01
N GLU A 159 36.13 -0.66 24.23
CA GLU A 159 36.30 0.79 24.36
C GLU A 159 37.57 1.25 23.66
N GLN A 160 38.58 0.40 23.59
CA GLN A 160 39.75 0.73 22.79
C GLN A 160 39.37 0.89 21.31
N ALA A 161 38.58 -0.06 20.78
CA ALA A 161 38.21 -0.01 19.37
C ALA A 161 37.47 1.27 19.04
N PHE A 162 36.52 1.67 19.90
CA PHE A 162 35.75 2.89 19.66
C PHE A 162 36.64 4.14 19.72
N LEU A 163 37.57 4.19 20.67
CA LEU A 163 38.46 5.35 20.78
C LEU A 163 39.41 5.45 19.57
N TYR A 164 39.90 4.30 19.07
CA TYR A 164 40.76 4.32 17.88
C TYR A 164 39.99 4.78 16.65
N ALA A 165 38.73 4.38 16.51
CA ALA A 165 37.97 4.77 15.33
C ALA A 165 37.59 6.24 15.39
N TYR A 166 37.24 6.72 16.58
CA TYR A 166 36.93 8.14 16.76
C TYR A 166 38.12 9.01 16.42
N GLU A 167 39.32 8.61 16.87
CA GLU A 167 40.52 9.37 16.53
C GLU A 167 40.77 9.38 15.03
N ALA A 168 40.56 8.23 14.36
CA ALA A 168 40.75 8.15 12.92
C ALA A 168 39.75 9.00 12.14
N ASP A 169 38.50 9.11 12.61
CA ASP A 169 37.51 9.97 11.96
C ASP A 169 36.50 10.44 13.01
N PRO A 170 36.76 11.57 13.65
CA PRO A 170 35.84 12.04 14.70
C PRO A 170 34.48 12.50 14.17
N ASP A 171 34.25 12.56 12.85
CA ASP A 171 32.93 12.94 12.34
C ASP A 171 32.05 11.74 12.01
N ALA A 172 32.57 10.52 12.12
CA ALA A 172 31.78 9.34 11.84
C ALA A 172 30.91 8.99 13.04
N LEU A 173 29.75 8.40 12.76
CA LEU A 173 28.93 7.83 13.81
C LEU A 173 29.39 6.39 14.03
N LEU A 174 29.68 6.03 15.27
CA LEU A 174 30.24 4.73 15.60
C LEU A 174 29.18 3.86 16.26
N PHE A 175 29.07 2.60 15.82
CA PHE A 175 27.94 1.75 16.18
C PHE A 175 28.41 0.47 16.86
N TYR A 176 27.60 0.01 17.82
CA TYR A 176 27.59 -1.39 18.25
C TYR A 176 26.49 -2.10 17.47
N ASN A 177 26.81 -3.22 16.81
CA ASN A 177 25.91 -3.89 15.86
C ASN A 177 25.71 -5.36 16.27
N ASP A 178 24.46 -5.82 16.31
CA ASP A 178 24.19 -7.17 16.81
C ASP A 178 22.83 -7.68 16.33
N TYR A 179 22.66 -8.99 16.44
CA TYR A 179 21.48 -9.74 16.01
C TYR A 179 20.82 -10.40 17.21
N ASN A 180 19.64 -10.98 16.98
CA ASN A 180 18.69 -11.36 18.03
C ASN A 180 18.56 -10.23 19.05
N GLU A 181 18.67 -9.00 18.56
CA GLU A 181 18.65 -7.79 19.36
C GLU A 181 17.31 -7.52 20.02
N CYS A 182 16.27 -8.29 19.72
CA CYS A 182 14.96 -8.05 20.30
C CYS A 182 14.51 -9.13 21.29
N PHE A 183 15.27 -10.20 21.46
CA PHE A 183 14.91 -11.16 22.50
C PHE A 183 15.28 -10.57 23.85
N PRO A 184 14.36 -10.58 24.83
CA PRO A 184 14.55 -9.72 26.02
C PRO A 184 15.87 -9.91 26.73
N GLU A 185 16.31 -11.15 26.91
CA GLU A 185 17.51 -11.34 27.71
C GLU A 185 18.73 -10.82 26.99
N LYS A 186 18.77 -10.91 25.67
CA LYS A 186 19.91 -10.38 24.94
C LYS A 186 19.79 -8.88 24.80
N ARG A 187 18.56 -8.37 24.62
CA ARG A 187 18.33 -6.94 24.65
C ARG A 187 18.91 -6.29 25.90
N GLU A 188 18.72 -6.93 27.07
CA GLU A 188 19.20 -6.33 28.32
C GLU A 188 20.72 -6.35 28.40
N LYS A 189 21.36 -7.41 27.90
CA LYS A 189 22.81 -7.42 27.83
C LYS A 189 23.32 -6.32 26.91
N ILE A 190 22.68 -6.15 25.74
CA ILE A 190 23.12 -5.12 24.80
C ILE A 190 22.90 -3.74 25.40
N PHE A 191 21.75 -3.53 26.04
CA PHE A 191 21.48 -2.29 26.74
C PHE A 191 22.53 -2.03 27.82
N ALA A 192 22.81 -3.04 28.66
CA ALA A 192 23.77 -2.85 29.75
C ALA A 192 25.17 -2.57 29.22
N LEU A 193 25.60 -3.32 28.20
CA LEU A 193 26.91 -3.06 27.64
C LEU A 193 27.00 -1.62 27.11
N VAL A 194 26.05 -1.20 26.29
CA VAL A 194 26.15 0.12 25.66
C VAL A 194 26.02 1.22 26.70
N LYS A 195 25.09 1.08 27.65
CA LYS A 195 24.99 2.03 28.75
C LYS A 195 26.32 2.18 29.48
N SER A 196 27.02 1.07 29.74
CA SER A 196 28.24 1.18 30.53
C SER A 196 29.33 1.90 29.74
N LEU A 197 29.38 1.68 28.43
CA LEU A 197 30.37 2.37 27.59
C LEU A 197 30.10 3.86 27.55
N ARG A 198 28.83 4.24 27.31
CA ARG A 198 28.47 5.65 27.30
C ARG A 198 28.67 6.29 28.67
N ASP A 199 28.47 5.54 29.75
CA ASP A 199 28.66 6.11 31.08
C ASP A 199 30.12 6.39 31.35
N LYS A 200 31.02 5.78 30.59
CA LYS A 200 32.45 6.09 30.62
C LYS A 200 32.86 7.15 29.60
N GLY A 201 31.91 7.74 28.87
CA GLY A 201 32.26 8.71 27.84
C GLY A 201 32.87 8.13 26.59
N ILE A 202 32.71 6.83 26.35
CA ILE A 202 33.21 6.22 25.11
C ILE A 202 32.43 6.77 23.92
N PRO A 203 33.08 7.11 22.81
CA PRO A 203 32.35 7.60 21.65
C PRO A 203 31.60 6.50 20.91
N ILE A 204 30.50 6.01 21.48
CA ILE A 204 29.58 5.14 20.76
C ILE A 204 28.29 5.92 20.55
N HIS A 205 27.93 6.16 19.29
CA HIS A 205 26.80 7.00 18.95
C HIS A 205 25.55 6.22 18.57
N GLY A 206 25.67 4.94 18.25
CA GLY A 206 24.53 4.24 17.68
C GLY A 206 24.51 2.76 18.06
N ILE A 207 23.31 2.20 17.98
CA ILE A 207 23.13 0.76 18.08
C ILE A 207 22.59 0.29 16.74
N GLY A 208 23.19 -0.77 16.20
CA GLY A 208 22.74 -1.35 14.96
C GLY A 208 21.93 -2.60 15.26
N MET A 209 20.67 -2.60 14.82
CA MET A 209 19.77 -3.73 14.99
C MET A 209 19.76 -4.51 13.69
N GLN A 210 20.39 -5.69 13.68
CA GLN A 210 20.53 -6.44 12.43
C GLN A 210 19.18 -6.86 11.86
N ALA A 211 18.26 -7.30 12.72
CA ALA A 211 16.92 -7.70 12.30
C ALA A 211 16.97 -8.86 11.30
N HIS A 212 17.71 -9.91 11.64
CA HIS A 212 17.63 -11.15 10.89
C HIS A 212 16.45 -11.91 11.49
N TRP A 213 15.26 -11.60 10.99
CA TRP A 213 13.99 -11.95 11.61
C TRP A 213 13.31 -13.08 10.84
N SER A 214 12.34 -13.72 11.48
CA SER A 214 11.50 -14.72 10.86
C SER A 214 10.07 -14.19 10.75
N LEU A 215 9.17 -15.04 10.24
CA LEU A 215 7.76 -14.63 10.14
C LEU A 215 7.12 -14.45 11.52
N THR A 216 7.61 -15.18 12.53
CA THR A 216 7.05 -15.20 13.88
C THR A 216 7.87 -14.44 14.91
N ARG A 217 9.21 -14.48 14.82
CA ARG A 217 10.11 -13.97 15.85
C ARG A 217 11.02 -12.87 15.32
N PRO A 218 11.21 -11.79 16.09
CA PRO A 218 10.54 -11.50 17.36
C PRO A 218 9.14 -10.95 17.14
N SER A 219 8.33 -10.89 18.20
CA SER A 219 6.99 -10.32 18.08
C SER A 219 7.09 -8.81 17.91
N LEU A 220 6.01 -8.22 17.40
CA LEU A 220 5.96 -6.76 17.28
C LEU A 220 6.13 -6.09 18.64
N ASP A 221 5.65 -6.71 19.73
CA ASP A 221 5.83 -6.12 21.05
C ASP A 221 7.29 -6.15 21.48
N GLU A 222 8.01 -7.25 21.19
CA GLU A 222 9.44 -7.31 21.48
C GLU A 222 10.23 -6.31 20.63
N ILE A 223 9.80 -6.06 19.39
CA ILE A 223 10.50 -5.08 18.56
C ILE A 223 10.31 -3.67 19.14
N ARG A 224 9.05 -3.33 19.45
CA ARG A 224 8.76 -2.03 20.07
C ARG A 224 9.54 -1.86 21.38
N ALA A 225 9.51 -2.87 22.25
CA ALA A 225 10.23 -2.74 23.52
C ALA A 225 11.73 -2.54 23.30
N ALA A 226 12.32 -3.24 22.33
CA ALA A 226 13.76 -3.11 22.06
C ALA A 226 14.10 -1.73 21.53
N ILE A 227 13.30 -1.22 20.57
CA ILE A 227 13.50 0.14 20.07
C ILE A 227 13.49 1.14 21.22
N GLU A 228 12.45 1.09 22.06
CA GLU A 228 12.35 2.05 23.14
C GLU A 228 13.46 1.87 24.16
N ARG A 229 13.87 0.63 24.42
CA ARG A 229 14.94 0.38 25.36
C ARG A 229 16.26 0.99 24.86
N TYR A 230 16.61 0.72 23.60
CA TYR A 230 17.82 1.30 23.04
C TYR A 230 17.69 2.81 22.90
N ALA A 231 16.55 3.29 22.39
CA ALA A 231 16.38 4.73 22.18
C ALA A 231 16.51 5.52 23.48
N SER A 232 16.17 4.90 24.62
CA SER A 232 16.25 5.59 25.90
C SER A 232 17.68 5.92 26.31
N LEU A 233 18.67 5.30 25.66
CA LEU A 233 20.08 5.59 25.91
C LEU A 233 20.56 6.85 25.20
N GLY A 234 19.73 7.49 24.40
CA GLY A 234 20.17 8.64 23.63
C GLY A 234 20.99 8.32 22.40
N VAL A 235 21.09 7.03 22.01
CA VAL A 235 21.86 6.66 20.83
C VAL A 235 20.96 6.69 19.58
N VAL A 236 21.63 6.86 18.44
CA VAL A 236 21.00 6.69 17.13
C VAL A 236 20.72 5.21 16.88
N LEU A 237 19.61 4.90 16.22
CA LEU A 237 19.27 3.54 15.83
C LEU A 237 19.32 3.37 14.31
N HIS A 238 20.03 2.33 13.86
CA HIS A 238 19.99 1.86 12.48
C HIS A 238 19.50 0.42 12.48
N ILE A 239 18.64 0.09 11.51
CA ILE A 239 18.31 -1.31 11.20
C ILE A 239 19.27 -1.71 10.09
N THR A 240 20.17 -2.67 10.37
CA THR A 240 21.33 -2.80 9.52
C THR A 240 21.35 -4.01 8.58
N GLY A 241 20.59 -5.07 8.87
CA GLY A 241 20.65 -6.26 8.02
C GLY A 241 19.31 -6.94 7.81
N LEU A 242 18.25 -6.14 7.68
CA LEU A 242 16.88 -6.66 7.67
C LEU A 242 16.66 -7.71 6.58
N ASP A 243 16.14 -8.86 6.98
CA ASP A 243 15.50 -9.81 6.07
C ASP A 243 14.48 -10.59 6.87
N VAL A 244 13.53 -11.20 6.17
CA VAL A 244 12.44 -11.91 6.84
C VAL A 244 12.44 -13.34 6.29
N SER A 245 13.08 -14.24 7.04
CA SER A 245 13.21 -15.63 6.62
C SER A 245 11.86 -16.32 6.55
N MET A 246 11.69 -17.17 5.53
CA MET A 246 10.52 -18.02 5.41
C MET A 246 10.56 -19.22 6.35
N PHE A 247 11.66 -19.44 7.07
CA PHE A 247 11.81 -20.58 7.96
C PHE A 247 12.11 -20.09 9.38
N GLU A 248 11.42 -20.65 10.36
CA GLU A 248 11.82 -20.47 11.75
C GLU A 248 13.14 -21.19 12.00
N PHE A 249 13.73 -20.91 13.17
CA PHE A 249 15.04 -21.45 13.50
C PHE A 249 15.02 -22.98 13.60
N HIS A 250 13.89 -23.57 14.01
CA HIS A 250 13.76 -25.01 14.11
C HIS A 250 13.47 -25.69 12.78
N ASP A 251 13.22 -24.92 11.72
CA ASP A 251 12.70 -25.45 10.46
C ASP A 251 13.89 -25.54 9.51
N ARG A 252 14.54 -26.71 9.50
CA ARG A 252 15.73 -26.97 8.71
C ARG A 252 15.42 -27.78 7.45
N ARG A 253 14.23 -27.60 6.88
CA ARG A 253 13.85 -28.31 5.66
C ARG A 253 14.71 -27.86 4.48
N THR A 254 15.14 -28.83 3.66
CA THR A 254 15.94 -28.55 2.47
C THR A 254 15.17 -28.72 1.17
N ASP A 255 13.95 -29.26 1.22
CA ASP A 255 13.21 -29.74 0.05
C ASP A 255 12.33 -28.70 -0.60
N LEU A 256 12.15 -27.53 0.00
CA LEU A 256 11.16 -26.57 -0.47
C LEU A 256 11.69 -25.82 -1.68
N ALA A 257 11.00 -25.93 -2.82
CA ALA A 257 11.46 -25.33 -4.05
C ALA A 257 10.82 -23.97 -4.34
N ALA A 258 9.72 -23.66 -3.68
CA ALA A 258 9.08 -22.36 -3.77
C ALA A 258 8.38 -22.12 -2.44
N PRO A 259 8.23 -20.87 -2.02
CA PRO A 259 7.48 -20.61 -0.79
C PRO A 259 6.00 -20.88 -1.02
N THR A 260 5.33 -21.35 0.02
CA THR A 260 3.90 -21.54 -0.12
C THR A 260 3.22 -20.19 -0.27
N SER A 261 1.98 -20.23 -0.74
CA SER A 261 1.22 -19.00 -0.82
C SER A 261 0.91 -18.45 0.58
N GLU A 262 0.79 -19.34 1.58
CA GLU A 262 0.67 -18.89 2.97
C GLU A 262 1.92 -18.15 3.41
N MET A 263 3.10 -18.70 3.12
N MET A 263 3.09 -18.71 3.12
CA MET A 263 4.36 -18.04 3.45
CA MET A 263 4.36 -18.04 3.45
C MET A 263 4.41 -16.65 2.83
C MET A 263 4.40 -16.64 2.83
N ILE A 264 4.12 -16.55 1.53
CA ILE A 264 4.18 -15.28 0.83
C ILE A 264 3.23 -14.26 1.46
N GLU A 265 2.03 -14.71 1.84
CA GLU A 265 1.03 -13.80 2.38
C GLU A 265 1.38 -13.39 3.81
N ARG A 266 1.80 -14.34 4.64
CA ARG A 266 2.23 -13.97 5.98
C ARG A 266 3.43 -13.02 5.92
N GLN A 267 4.33 -13.23 4.94
CA GLN A 267 5.52 -12.37 4.84
C GLN A 267 5.13 -10.94 4.50
N ALA A 268 4.22 -10.77 3.54
CA ALA A 268 3.70 -9.47 3.21
C ALA A 268 3.15 -8.77 4.45
N GLU A 269 2.28 -9.46 5.20
CA GLU A 269 1.73 -8.87 6.42
C GLU A 269 2.84 -8.52 7.41
N ARG A 270 3.79 -9.42 7.59
CA ARG A 270 4.89 -9.20 8.52
C ARG A 270 5.70 -7.95 8.14
N TYR A 271 6.00 -7.77 6.85
CA TYR A 271 6.73 -6.57 6.44
C TYR A 271 5.88 -5.30 6.62
N GLY A 272 4.58 -5.39 6.35
CA GLY A 272 3.72 -4.26 6.62
C GLY A 272 3.75 -3.83 8.08
N GLN A 273 3.66 -4.80 8.99
CA GLN A 273 3.67 -4.45 10.41
C GLN A 273 5.02 -3.89 10.84
N ILE A 274 6.11 -4.42 10.28
N ILE A 274 6.11 -4.44 10.31
CA ILE A 274 7.44 -3.99 10.68
CA ILE A 274 7.45 -3.99 10.66
C ILE A 274 7.69 -2.55 10.24
C ILE A 274 7.65 -2.54 10.25
N PHE A 275 7.32 -2.20 9.00
CA PHE A 275 7.58 -0.85 8.53
C PHE A 275 6.63 0.18 9.14
N ALA A 276 5.38 -0.20 9.44
CA ALA A 276 4.54 0.68 10.25
C ALA A 276 5.21 1.01 11.57
N LEU A 277 5.71 -0.02 12.26
CA LEU A 277 6.42 0.19 13.51
C LEU A 277 7.63 1.10 13.34
N PHE A 278 8.41 0.90 12.28
CA PHE A 278 9.56 1.76 12.01
C PHE A 278 9.11 3.20 11.75
N LYS A 279 8.09 3.38 10.91
CA LYS A 279 7.59 4.73 10.65
C LYS A 279 7.17 5.40 11.95
N GLU A 280 6.45 4.66 12.80
CA GLU A 280 6.05 5.20 14.09
C GLU A 280 7.24 5.67 14.91
N TYR A 281 8.37 4.96 14.83
CA TYR A 281 9.58 5.38 15.57
C TYR A 281 10.58 6.11 14.69
N ARG A 282 10.09 6.81 13.65
CA ARG A 282 10.95 7.57 12.73
C ARG A 282 11.86 8.58 13.45
N ASP A 283 11.48 9.04 14.65
CA ASP A 283 12.32 10.01 15.34
C ASP A 283 13.62 9.42 15.85
N VAL A 284 13.72 8.10 16.06
CA VAL A 284 14.96 7.51 16.53
C VAL A 284 15.62 6.59 15.52
N ILE A 285 14.89 6.11 14.52
CA ILE A 285 15.47 5.27 13.47
C ILE A 285 15.82 6.18 12.30
N GLN A 286 17.09 6.17 11.90
CA GLN A 286 17.53 7.01 10.79
C GLN A 286 17.91 6.23 9.54
N SER A 287 17.92 4.90 9.58
CA SER A 287 18.31 4.12 8.41
C SER A 287 17.77 2.70 8.54
N VAL A 288 17.30 2.15 7.43
CA VAL A 288 16.82 0.77 7.37
C VAL A 288 17.51 0.11 6.18
N THR A 289 18.47 -0.76 6.45
CA THR A 289 19.22 -1.49 5.43
C THR A 289 18.79 -2.95 5.43
N PHE A 290 18.39 -3.45 4.25
CA PHE A 290 18.18 -4.88 4.03
C PHE A 290 19.51 -5.57 3.75
N TRP A 291 19.64 -6.82 4.21
CA TRP A 291 20.85 -7.59 3.89
C TRP A 291 20.74 -8.24 2.51
N GLY A 292 20.65 -7.40 1.49
CA GLY A 292 20.38 -7.78 0.12
C GLY A 292 19.38 -6.82 -0.47
N ILE A 293 18.78 -7.18 -1.62
CA ILE A 293 17.65 -6.39 -2.11
C ILE A 293 16.61 -7.25 -2.85
N ALA A 294 17.05 -8.35 -3.48
CA ALA A 294 16.10 -9.20 -4.19
C ALA A 294 16.46 -10.66 -3.97
N ASP A 295 15.45 -11.54 -4.11
CA ASP A 295 15.61 -12.94 -3.67
C ASP A 295 16.57 -13.76 -4.52
N ASP A 296 17.11 -13.21 -5.62
CA ASP A 296 18.17 -13.90 -6.37
C ASP A 296 19.54 -13.83 -5.69
N HIS A 297 19.70 -13.02 -4.65
CA HIS A 297 20.91 -13.11 -3.83
C HIS A 297 20.54 -12.89 -2.37
N THR A 298 20.74 -13.93 -1.55
CA THR A 298 20.60 -13.82 -0.11
C THR A 298 21.50 -14.85 0.57
N TRP A 299 22.17 -14.42 1.64
CA TRP A 299 22.96 -15.32 2.46
C TRP A 299 22.11 -16.39 3.13
N LEU A 300 20.79 -16.19 3.23
CA LEU A 300 19.94 -17.18 3.88
C LEU A 300 19.80 -18.47 3.06
N ASP A 301 20.11 -18.44 1.76
CA ASP A 301 20.14 -19.66 0.96
C ASP A 301 21.05 -20.71 1.55
N ASN A 302 22.11 -20.30 2.27
CA ASN A 302 23.07 -21.25 2.82
C ASN A 302 23.28 -21.13 4.32
N PHE A 303 22.61 -20.20 4.98
CA PHE A 303 22.63 -20.10 6.43
C PHE A 303 21.19 -20.03 6.92
N PRO A 304 20.84 -20.79 7.97
CA PRO A 304 21.75 -21.70 8.70
C PRO A 304 21.89 -23.09 8.08
N VAL A 305 21.25 -23.33 6.93
CA VAL A 305 21.25 -24.62 6.26
C VAL A 305 21.95 -24.46 4.92
N HIS A 306 23.04 -25.19 4.71
CA HIS A 306 23.71 -25.09 3.43
C HIS A 306 22.84 -25.66 2.31
N GLY A 307 22.76 -24.94 1.20
CA GLY A 307 22.26 -25.50 -0.04
C GLY A 307 20.77 -25.52 -0.26
N ARG A 308 20.00 -24.75 0.51
CA ARG A 308 18.57 -24.66 0.22
C ARG A 308 18.29 -23.29 -0.44
N LYS A 309 17.04 -22.86 -0.42
CA LYS A 309 16.69 -21.58 -0.98
C LYS A 309 15.74 -20.85 -0.04
N ASN A 310 15.93 -19.54 0.09
CA ASN A 310 15.05 -18.72 0.93
C ASN A 310 14.55 -17.55 0.09
N TRP A 311 13.49 -16.88 0.58
CA TRP A 311 12.83 -15.80 -0.18
C TRP A 311 12.51 -14.65 0.76
N PRO A 312 13.54 -13.91 1.20
CA PRO A 312 13.40 -13.03 2.37
C PRO A 312 13.17 -11.55 2.11
N LEU A 313 13.16 -11.11 0.86
CA LEU A 313 13.29 -9.68 0.58
C LEU A 313 12.02 -9.18 -0.12
N LEU A 314 12.03 -7.90 -0.49
CA LEU A 314 10.83 -7.27 -1.04
C LEU A 314 10.67 -7.51 -2.54
N PHE A 315 11.72 -7.94 -3.24
CA PHE A 315 11.65 -8.23 -4.67
C PHE A 315 12.02 -9.69 -4.90
N ASP A 316 11.43 -10.29 -5.95
CA ASP A 316 11.67 -11.70 -6.22
C ASP A 316 12.91 -11.87 -7.10
N GLU A 317 13.18 -13.12 -7.50
CA GLU A 317 14.41 -13.44 -8.23
C GLU A 317 14.44 -12.82 -9.62
N GLN A 318 13.29 -12.45 -10.17
CA GLN A 318 13.21 -11.68 -11.41
C GLN A 318 13.13 -10.19 -11.15
N HIS A 319 13.37 -9.77 -9.90
CA HIS A 319 13.41 -8.35 -9.50
C HIS A 319 12.05 -7.68 -9.59
N LYS A 320 10.96 -8.47 -9.55
CA LYS A 320 9.62 -7.88 -9.51
C LYS A 320 9.16 -7.71 -8.07
N PRO A 321 8.39 -6.67 -7.78
CA PRO A 321 7.89 -6.49 -6.41
C PRO A 321 7.06 -7.67 -5.98
N LYS A 322 7.29 -8.10 -4.75
CA LYS A 322 6.50 -9.15 -4.12
C LYS A 322 5.32 -8.53 -3.42
N PRO A 323 4.34 -9.34 -2.97
CA PRO A 323 3.27 -8.79 -2.15
C PRO A 323 3.79 -7.99 -0.95
N ALA A 324 4.86 -8.47 -0.32
CA ALA A 324 5.49 -7.74 0.78
C ALA A 324 5.85 -6.31 0.40
N PHE A 325 6.34 -6.10 -0.83
CA PHE A 325 6.62 -4.75 -1.30
C PHE A 325 5.43 -3.82 -1.10
N TRP A 326 4.25 -4.24 -1.59
CA TRP A 326 3.11 -3.32 -1.61
C TRP A 326 2.68 -2.92 -0.20
N ARG A 327 2.72 -3.87 0.74
CA ARG A 327 2.36 -3.57 2.12
C ARG A 327 3.41 -2.70 2.78
N ALA A 328 4.70 -2.96 2.50
CA ALA A 328 5.77 -2.14 3.09
C ALA A 328 5.65 -0.67 2.70
N VAL A 329 5.36 -0.38 1.43
CA VAL A 329 5.34 1.02 0.99
C VAL A 329 4.03 1.72 1.30
N SER A 330 3.03 1.02 1.83
CA SER A 330 1.72 1.63 2.05
C SER A 330 1.46 2.02 3.50
N VAL A 331 2.43 1.85 4.39
CA VAL A 331 2.24 2.13 5.81
C VAL A 331 2.20 3.63 6.07
N SER B 4 -5.65 -9.52 10.13
CA SER B 4 -6.77 -8.82 9.53
C SER B 4 -6.29 -7.53 8.85
N LEU B 5 -6.88 -7.25 7.68
CA LEU B 5 -6.53 -6.10 6.86
C LEU B 5 -7.14 -4.82 7.42
N PRO B 6 -6.61 -3.66 7.04
CA PRO B 6 -7.34 -2.42 7.27
C PRO B 6 -8.72 -2.49 6.62
N SER B 7 -9.69 -1.88 7.29
CA SER B 7 -11.07 -1.86 6.82
C SER B 7 -11.32 -0.54 6.07
N LEU B 8 -11.81 -0.65 4.83
CA LEU B 8 -11.89 0.54 3.97
C LEU B 8 -12.74 1.63 4.60
N ARG B 9 -13.89 1.26 5.18
CA ARG B 9 -14.75 2.28 5.78
C ARG B 9 -14.09 2.93 7.00
N ASP B 10 -13.24 2.19 7.72
CA ASP B 10 -12.50 2.79 8.84
C ASP B 10 -11.36 3.67 8.35
N VAL B 11 -10.59 3.21 7.35
CA VAL B 11 -9.51 4.01 6.78
C VAL B 11 -10.01 5.39 6.34
N PHE B 12 -11.23 5.46 5.82
CA PHE B 12 -11.77 6.73 5.33
C PHE B 12 -12.91 7.25 6.20
N ALA B 13 -12.99 6.80 7.46
CA ALA B 13 -14.05 7.23 8.39
C ALA B 13 -14.28 8.73 8.35
N ASN B 14 -13.21 9.51 8.31
CA ASN B 14 -13.35 10.96 8.42
C ASN B 14 -13.53 11.66 7.09
N ASP B 15 -13.54 10.90 5.99
CA ASP B 15 -13.60 11.49 4.67
C ASP B 15 -14.90 11.20 3.93
N PHE B 16 -15.33 9.94 3.88
CA PHE B 16 -16.52 9.59 3.12
C PHE B 16 -16.85 8.13 3.39
N ARG B 17 -18.10 7.78 3.17
CA ARG B 17 -18.51 6.38 3.23
C ARG B 17 -17.89 5.60 2.07
N ILE B 18 -17.79 4.28 2.25
CA ILE B 18 -17.28 3.39 1.22
C ILE B 18 -18.40 2.42 0.87
N GLY B 19 -18.77 2.37 -0.41
CA GLY B 19 -19.91 1.61 -0.85
C GLY B 19 -19.54 0.56 -1.87
N ALA B 20 -20.47 -0.38 -2.08
CA ALA B 20 -20.40 -1.35 -3.17
C ALA B 20 -21.79 -1.54 -3.81
N ALA B 21 -21.79 -1.72 -5.14
CA ALA B 21 -22.98 -2.22 -5.83
C ALA B 21 -23.06 -3.74 -5.67
N VAL B 22 -24.26 -4.25 -5.36
CA VAL B 22 -24.47 -5.66 -5.07
C VAL B 22 -25.79 -6.12 -5.69
N ASN B 23 -25.96 -7.44 -5.70
CA ASN B 23 -27.24 -8.06 -5.99
C ASN B 23 -27.35 -9.23 -5.00
N PRO B 24 -28.51 -9.89 -4.85
CA PRO B 24 -28.59 -10.93 -3.81
C PRO B 24 -27.62 -12.09 -4.00
N VAL B 25 -27.14 -12.34 -5.22
CA VAL B 25 -26.17 -13.41 -5.42
C VAL B 25 -24.78 -12.98 -4.96
N THR B 26 -24.34 -11.77 -5.33
CA THR B 26 -23.00 -11.34 -4.93
C THR B 26 -22.94 -11.01 -3.44
N ILE B 27 -24.07 -10.65 -2.84
CA ILE B 27 -24.13 -10.54 -1.39
C ILE B 27 -23.67 -11.86 -0.74
N GLU B 28 -24.07 -13.00 -1.31
CA GLU B 28 -23.64 -14.30 -0.79
C GLU B 28 -22.21 -14.61 -1.20
N MET B 29 -21.88 -14.36 -2.47
CA MET B 29 -20.55 -14.67 -2.97
C MET B 29 -19.48 -13.83 -2.28
N GLN B 30 -19.81 -12.60 -1.89
CA GLN B 30 -18.83 -11.63 -1.40
C GLN B 30 -19.17 -11.11 0.00
N LYS B 31 -19.90 -11.92 0.79
CA LYS B 31 -20.46 -11.44 2.05
C LYS B 31 -19.37 -10.89 2.97
N GLN B 32 -18.29 -11.67 3.17
CA GLN B 32 -17.30 -11.26 4.16
C GLN B 32 -16.58 -9.98 3.75
N LEU B 33 -16.22 -9.84 2.47
CA LEU B 33 -15.61 -8.59 2.00
C LEU B 33 -16.51 -7.40 2.31
N LEU B 34 -17.81 -7.55 2.02
CA LEU B 34 -18.75 -6.45 2.25
C LEU B 34 -18.85 -6.13 3.74
N ILE B 35 -19.02 -7.15 4.57
CA ILE B 35 -19.07 -6.95 6.02
C ILE B 35 -17.80 -6.26 6.51
N ASP B 36 -16.63 -6.72 6.03
CA ASP B 36 -15.38 -6.18 6.55
C ASP B 36 -15.10 -4.76 6.07
N HIS B 37 -15.64 -4.31 4.93
CA HIS B 37 -15.13 -3.07 4.34
C HIS B 37 -16.12 -1.94 4.10
N VAL B 38 -17.38 -2.20 3.74
CA VAL B 38 -18.25 -1.12 3.28
C VAL B 38 -19.21 -0.70 4.37
N ASN B 39 -19.63 0.55 4.33
CA ASN B 39 -20.77 1.04 5.12
C ASN B 39 -21.84 1.67 4.23
N SER B 40 -21.90 1.26 2.96
CA SER B 40 -22.95 1.73 2.08
C SER B 40 -23.12 0.69 0.98
N ILE B 41 -24.35 0.61 0.45
CA ILE B 41 -24.76 -0.47 -0.45
C ILE B 41 -25.67 0.14 -1.52
N THR B 42 -25.45 -0.22 -2.78
CA THR B 42 -26.34 0.12 -3.88
C THR B 42 -26.78 -1.16 -4.56
N ALA B 43 -28.04 -1.21 -5.02
CA ALA B 43 -28.47 -2.34 -5.83
C ALA B 43 -27.95 -2.14 -7.26
N GLU B 44 -27.16 -3.10 -7.74
CA GLU B 44 -26.62 -2.98 -9.09
C GLU B 44 -27.74 -2.92 -10.12
N ASN B 45 -28.79 -3.72 -9.92
CA ASN B 45 -29.90 -3.71 -10.89
C ASN B 45 -31.29 -3.75 -10.28
N HIS B 46 -31.48 -4.24 -9.05
CA HIS B 46 -32.79 -4.67 -8.62
C HIS B 46 -33.63 -3.57 -7.99
N MET B 47 -33.22 -2.32 -8.07
CA MET B 47 -34.13 -1.20 -7.82
C MET B 47 -34.37 -0.37 -9.08
N LYS B 48 -33.96 -0.86 -10.24
CA LYS B 48 -34.32 -0.19 -11.48
C LYS B 48 -35.77 -0.48 -11.82
N PHE B 49 -36.35 0.38 -12.68
CA PHE B 49 -37.78 0.32 -12.93
C PHE B 49 -38.22 -1.10 -13.33
N GLU B 50 -37.50 -1.70 -14.29
CA GLU B 50 -37.91 -3.00 -14.80
C GLU B 50 -37.89 -4.08 -13.73
N HIS B 51 -37.14 -3.89 -12.64
CA HIS B 51 -37.02 -4.91 -11.62
C HIS B 51 -37.92 -4.66 -10.41
N LEU B 52 -38.64 -3.53 -10.40
CA LEU B 52 -39.56 -3.15 -9.34
C LEU B 52 -41.02 -3.14 -9.80
N GLN B 53 -41.32 -2.71 -11.01
CA GLN B 53 -42.69 -2.71 -11.54
C GLN B 53 -42.67 -3.26 -12.97
N PRO B 54 -42.45 -4.58 -13.12
CA PRO B 54 -42.32 -5.15 -14.49
C PRO B 54 -43.60 -5.04 -15.31
N GLU B 55 -44.76 -5.04 -14.65
CA GLU B 55 -46.05 -4.75 -15.29
C GLU B 55 -46.79 -3.76 -14.41
N GLU B 56 -47.69 -2.97 -15.03
CA GLU B 56 -48.40 -1.95 -14.26
C GLU B 56 -49.17 -2.60 -13.11
N GLY B 57 -48.91 -2.12 -11.90
CA GLY B 57 -49.57 -2.65 -10.72
C GLY B 57 -48.97 -3.92 -10.16
N LYS B 58 -47.95 -4.49 -10.81
CA LYS B 58 -47.23 -5.65 -10.29
C LYS B 58 -45.88 -5.17 -9.77
N PHE B 59 -45.75 -5.07 -8.46
CA PHE B 59 -44.50 -4.65 -7.82
C PHE B 59 -43.77 -5.90 -7.31
N THR B 60 -42.48 -6.02 -7.64
CA THR B 60 -41.64 -7.16 -7.28
C THR B 60 -40.47 -6.67 -6.44
N PHE B 61 -40.71 -6.45 -5.14
CA PHE B 61 -39.73 -5.89 -4.21
C PHE B 61 -38.86 -6.94 -3.55
N GLN B 62 -39.05 -8.22 -3.87
CA GLN B 62 -38.42 -9.28 -3.10
C GLN B 62 -36.90 -9.14 -3.09
N GLU B 63 -36.31 -8.92 -4.27
CA GLU B 63 -34.85 -8.86 -4.35
C GLU B 63 -34.32 -7.58 -3.71
N ALA B 64 -34.98 -6.44 -3.94
CA ALA B 64 -34.55 -5.20 -3.30
C ALA B 64 -34.70 -5.26 -1.78
N ASP B 65 -35.75 -5.92 -1.28
CA ASP B 65 -35.88 -6.12 0.16
C ASP B 65 -34.69 -6.91 0.73
N ARG B 66 -34.24 -7.94 0.02
CA ARG B 66 -33.08 -8.72 0.47
C ARG B 66 -31.83 -7.86 0.55
N ILE B 67 -31.62 -6.99 -0.43
CA ILE B 67 -30.47 -6.09 -0.41
C ILE B 67 -30.59 -5.10 0.75
N VAL B 68 -31.80 -4.59 0.99
CA VAL B 68 -32.00 -3.63 2.08
C VAL B 68 -31.89 -4.32 3.43
N ASP B 69 -32.41 -5.55 3.54
CA ASP B 69 -32.31 -6.25 4.82
C ASP B 69 -30.85 -6.52 5.18
N PHE B 70 -30.07 -6.98 4.21
CA PHE B 70 -28.64 -7.17 4.42
C PHE B 70 -27.98 -5.90 4.92
N ALA B 71 -28.23 -4.78 4.24
CA ALA B 71 -27.60 -3.53 4.60
C ALA B 71 -27.93 -3.14 6.04
N CYS B 72 -29.22 -3.11 6.38
CA CYS B 72 -29.66 -2.73 7.71
C CYS B 72 -29.15 -3.67 8.79
N SER B 73 -29.02 -4.97 8.49
N SER B 73 -29.02 -4.97 8.49
CA SER B 73 -28.50 -5.91 9.47
CA SER B 73 -28.51 -5.89 9.49
C SER B 73 -27.02 -5.68 9.78
C SER B 73 -27.03 -5.69 9.77
N HIS B 74 -26.30 -4.95 8.92
CA HIS B 74 -24.87 -4.69 9.13
C HIS B 74 -24.55 -3.20 9.19
N ARG B 75 -25.55 -2.36 9.43
CA ARG B 75 -25.34 -0.92 9.63
C ARG B 75 -24.71 -0.26 8.40
N MET B 76 -25.17 -0.66 7.23
CA MET B 76 -24.78 -0.01 5.99
C MET B 76 -25.91 0.91 5.55
N ALA B 77 -25.56 2.13 5.15
CA ALA B 77 -26.51 2.98 4.43
C ALA B 77 -26.84 2.32 3.08
N VAL B 78 -27.90 2.83 2.44
CA VAL B 78 -28.33 2.36 1.13
C VAL B 78 -28.60 3.56 0.24
N ARG B 79 -27.99 3.57 -0.95
CA ARG B 79 -28.34 4.51 -2.01
C ARG B 79 -29.38 3.85 -2.91
N GLY B 80 -30.47 4.56 -3.20
CA GLY B 80 -31.45 4.05 -4.14
C GLY B 80 -31.06 4.35 -5.59
N HIS B 81 -31.10 3.32 -6.44
CA HIS B 81 -30.71 3.45 -7.85
C HIS B 81 -31.59 2.51 -8.66
N THR B 82 -32.45 3.05 -9.55
CA THR B 82 -32.62 4.49 -9.90
C THR B 82 -34.09 4.65 -10.36
N LEU B 83 -34.69 5.84 -10.22
CA LEU B 83 -36.13 5.98 -10.48
C LEU B 83 -36.44 6.20 -11.97
N VAL B 84 -35.89 7.25 -12.57
CA VAL B 84 -36.25 7.63 -13.93
C VAL B 84 -34.99 7.59 -14.79
N TRP B 85 -34.97 6.63 -15.74
CA TRP B 85 -33.83 6.38 -16.60
C TRP B 85 -34.36 5.89 -17.95
N HIS B 86 -33.68 6.27 -19.04
CA HIS B 86 -34.07 5.77 -20.35
C HIS B 86 -33.84 4.26 -20.52
N ASN B 87 -32.93 3.65 -19.76
CA ASN B 87 -32.65 2.23 -19.84
C ASN B 87 -33.42 1.43 -18.79
N GLN B 88 -33.56 0.13 -19.07
CA GLN B 88 -34.13 -0.84 -18.13
C GLN B 88 -35.47 -0.34 -17.59
N THR B 89 -36.29 0.21 -18.49
CA THR B 89 -37.66 0.61 -18.22
C THR B 89 -38.60 -0.11 -19.16
N PRO B 90 -39.60 -0.84 -18.66
CA PRO B 90 -40.43 -1.66 -19.55
C PRO B 90 -41.27 -0.82 -20.51
N ASP B 91 -41.62 -1.45 -21.63
CA ASP B 91 -42.40 -0.76 -22.67
C ASP B 91 -43.76 -0.29 -22.17
N TRP B 92 -44.39 -1.04 -21.25
CA TRP B 92 -45.77 -0.71 -20.85
C TRP B 92 -45.86 0.71 -20.33
N VAL B 93 -44.78 1.22 -19.74
CA VAL B 93 -44.78 2.53 -19.09
C VAL B 93 -45.24 3.62 -20.04
N PHE B 94 -44.82 3.53 -21.31
CA PHE B 94 -45.07 4.61 -22.25
C PHE B 94 -46.28 4.39 -23.15
N GLN B 95 -46.98 3.25 -23.03
CA GLN B 95 -48.01 2.88 -23.98
C GLN B 95 -49.39 2.80 -23.33
N ASP B 96 -50.41 2.93 -24.17
CA ASP B 96 -51.79 2.66 -23.80
C ASP B 96 -52.18 1.24 -24.24
N GLY B 97 -53.47 0.92 -24.17
CA GLY B 97 -53.89 -0.40 -24.60
C GLY B 97 -53.58 -0.67 -26.05
N GLN B 98 -53.75 0.34 -26.92
CA GLN B 98 -53.59 0.20 -28.35
C GLN B 98 -52.13 0.21 -28.79
N GLY B 99 -51.18 0.31 -27.86
CA GLY B 99 -49.78 0.39 -28.20
C GLY B 99 -49.29 1.77 -28.60
N HIS B 100 -50.16 2.76 -28.71
CA HIS B 100 -49.73 4.14 -28.94
C HIS B 100 -49.09 4.72 -27.69
N PHE B 101 -48.40 5.85 -27.86
CA PHE B 101 -47.78 6.52 -26.73
C PHE B 101 -48.82 7.28 -25.91
N VAL B 102 -48.73 7.15 -24.59
CA VAL B 102 -49.66 7.85 -23.70
C VAL B 102 -49.36 9.34 -23.76
N SER B 103 -50.25 10.15 -23.19
CA SER B 103 -50.10 11.59 -23.11
C SER B 103 -49.15 11.97 -21.97
N ARG B 104 -48.80 13.27 -21.95
CA ARG B 104 -48.01 13.82 -20.85
C ARG B 104 -48.65 13.56 -19.50
N ASP B 105 -49.94 13.85 -19.37
CA ASP B 105 -50.60 13.72 -18.07
C ASP B 105 -50.64 12.27 -17.61
N VAL B 106 -50.83 11.33 -18.54
CA VAL B 106 -50.86 9.93 -18.11
C VAL B 106 -49.46 9.43 -17.75
N LEU B 107 -48.40 9.93 -18.40
CA LEU B 107 -47.06 9.47 -18.01
C LEU B 107 -46.66 10.05 -16.66
N LEU B 108 -47.03 11.31 -16.39
CA LEU B 108 -46.75 11.88 -15.07
C LEU B 108 -47.44 11.09 -13.95
N GLU B 109 -48.72 10.72 -14.14
CA GLU B 109 -49.41 9.88 -13.15
C GLU B 109 -48.67 8.58 -12.91
N ARG B 110 -48.19 7.95 -13.98
CA ARG B 110 -47.49 6.68 -13.85
C ARG B 110 -46.14 6.90 -13.18
N MET B 111 -45.42 7.95 -13.56
CA MET B 111 -44.16 8.27 -12.90
C MET B 111 -44.37 8.51 -11.41
N LYS B 112 -45.42 9.26 -11.06
CA LYS B 112 -45.67 9.59 -9.66
C LYS B 112 -46.05 8.34 -8.85
N CYS B 113 -46.93 7.51 -9.39
CA CYS B 113 -47.33 6.29 -8.71
C CYS B 113 -46.14 5.36 -8.47
N HIS B 114 -45.25 5.22 -9.45
CA HIS B 114 -44.06 4.37 -9.27
C HIS B 114 -43.13 4.97 -8.22
N ILE B 115 -42.82 6.26 -8.34
CA ILE B 115 -41.92 6.91 -7.40
C ILE B 115 -42.50 6.88 -5.99
N SER B 116 -43.79 7.19 -5.86
N SER B 116 -43.79 7.19 -5.86
CA SER B 116 -44.43 7.19 -4.54
CA SER B 116 -44.43 7.19 -4.54
C SER B 116 -44.37 5.81 -3.90
C SER B 116 -44.36 5.81 -3.91
N THR B 117 -44.77 4.77 -4.65
CA THR B 117 -44.80 3.42 -4.09
C THR B 117 -43.40 2.95 -3.71
N VAL B 118 -42.42 3.19 -4.59
CA VAL B 118 -41.06 2.69 -4.36
C VAL B 118 -40.41 3.45 -3.21
N VAL B 119 -40.39 4.78 -3.30
CA VAL B 119 -39.70 5.58 -2.30
C VAL B 119 -40.35 5.41 -0.93
N ARG B 120 -41.68 5.38 -0.87
CA ARG B 120 -42.33 5.22 0.43
C ARG B 120 -41.99 3.88 1.08
N ARG B 121 -41.82 2.82 0.29
CA ARG B 121 -41.55 1.52 0.88
C ARG B 121 -40.27 1.54 1.70
N TYR B 122 -39.26 2.29 1.25
CA TYR B 122 -37.93 2.25 1.86
C TYR B 122 -37.61 3.52 2.65
N LYS B 123 -38.59 4.40 2.87
CA LYS B 123 -38.38 5.61 3.66
C LYS B 123 -37.80 5.25 5.03
N GLY B 124 -36.84 6.05 5.49
CA GLY B 124 -36.13 5.76 6.71
C GLY B 124 -35.06 4.69 6.60
N LYS B 125 -35.06 3.88 5.56
CA LYS B 125 -33.99 2.91 5.36
C LYS B 125 -33.04 3.27 4.23
N ILE B 126 -33.53 3.92 3.18
CA ILE B 126 -32.72 4.42 2.08
C ILE B 126 -32.60 5.93 2.26
N TYR B 127 -31.35 6.42 2.35
CA TYR B 127 -31.15 7.82 2.65
C TYR B 127 -30.96 8.71 1.42
N CYS B 128 -30.69 8.15 0.25
CA CYS B 128 -30.61 8.96 -0.95
C CYS B 128 -31.06 8.15 -2.17
N TRP B 129 -31.49 8.87 -3.20
CA TRP B 129 -32.02 8.26 -4.41
C TRP B 129 -31.38 8.92 -5.63
N ASP B 130 -30.96 8.10 -6.59
CA ASP B 130 -30.63 8.59 -7.92
C ASP B 130 -31.96 8.78 -8.66
N VAL B 131 -32.50 10.01 -8.65
CA VAL B 131 -33.82 10.27 -9.20
C VAL B 131 -33.78 10.25 -10.72
N ILE B 132 -32.79 10.95 -11.30
CA ILE B 132 -32.61 11.02 -12.75
C ILE B 132 -31.24 10.42 -13.07
N ASN B 133 -31.20 9.49 -14.02
CA ASN B 133 -29.95 8.85 -14.43
C ASN B 133 -29.66 9.17 -15.89
N GLU B 134 -28.52 9.83 -16.15
CA GLU B 134 -27.90 9.86 -17.47
C GLU B 134 -28.78 10.53 -18.53
N ALA B 135 -29.30 11.71 -18.20
CA ALA B 135 -30.15 12.45 -19.13
C ALA B 135 -29.37 13.35 -20.08
N VAL B 136 -28.09 13.62 -19.84
CA VAL B 136 -27.31 14.52 -20.69
C VAL B 136 -26.77 13.74 -21.88
N ALA B 137 -26.76 14.39 -23.05
CA ALA B 137 -26.40 13.73 -24.29
C ALA B 137 -24.91 13.41 -24.35
N ASP B 138 -24.56 12.38 -25.12
CA ASP B 138 -23.17 11.93 -25.21
C ASP B 138 -22.32 12.89 -26.04
N GLU B 139 -22.80 13.27 -27.22
CA GLU B 139 -22.09 14.20 -28.09
C GLU B 139 -23.05 15.25 -28.59
N GLY B 140 -22.49 16.27 -29.21
CA GLY B 140 -23.31 17.28 -29.88
C GLY B 140 -23.49 18.53 -29.05
N ASN B 141 -24.37 19.39 -29.55
CA ASN B 141 -24.60 20.69 -28.93
C ASN B 141 -25.80 20.70 -28.00
N GLU B 142 -26.70 19.72 -28.11
CA GLU B 142 -27.90 19.73 -27.28
C GLU B 142 -27.57 19.25 -25.88
N LEU B 143 -28.24 19.85 -24.89
CA LEU B 143 -28.04 19.48 -23.49
C LEU B 143 -28.46 18.04 -23.24
N LEU B 144 -29.61 17.63 -23.76
CA LEU B 144 -30.26 16.39 -23.36
C LEU B 144 -30.28 15.38 -24.50
N ARG B 145 -30.09 14.11 -24.16
CA ARG B 145 -30.36 13.05 -25.12
C ARG B 145 -31.87 12.88 -25.29
N PRO B 146 -32.33 12.41 -26.45
CA PRO B 146 -33.74 12.09 -26.58
C PRO B 146 -34.08 10.85 -25.77
N SER B 147 -35.29 10.83 -25.22
CA SER B 147 -35.80 9.69 -24.47
C SER B 147 -37.32 9.74 -24.51
N LYS B 148 -37.95 8.57 -24.32
N LYS B 148 -37.94 8.57 -24.32
CA LYS B 148 -39.40 8.51 -24.33
CA LYS B 148 -39.41 8.50 -24.32
C LYS B 148 -40.02 9.27 -23.16
C LYS B 148 -40.01 9.26 -23.15
N TRP B 149 -39.31 9.33 -22.01
CA TRP B 149 -39.74 10.21 -20.92
C TRP B 149 -39.86 11.64 -21.40
N ARG B 150 -38.79 12.10 -22.05
CA ARG B 150 -38.70 13.50 -22.45
C ARG B 150 -39.66 13.81 -23.59
N GLN B 151 -39.75 12.90 -24.56
CA GLN B 151 -40.57 13.13 -25.74
C GLN B 151 -42.04 13.27 -25.37
N ILE B 152 -42.50 12.49 -24.39
CA ILE B 152 -43.91 12.47 -24.02
C ILE B 152 -44.25 13.59 -23.04
N ILE B 153 -43.47 13.68 -21.94
CA ILE B 153 -43.76 14.67 -20.91
C ILE B 153 -43.37 16.07 -21.36
N GLY B 154 -42.21 16.20 -22.00
CA GLY B 154 -41.59 17.50 -22.21
C GLY B 154 -40.29 17.62 -21.42
N ASP B 155 -39.60 18.75 -21.61
CA ASP B 155 -38.28 18.94 -21.01
C ASP B 155 -38.31 19.12 -19.50
N ASP B 156 -39.48 19.38 -18.91
CA ASP B 156 -39.60 19.48 -17.47
C ASP B 156 -39.80 18.13 -16.78
N PHE B 157 -39.53 17.02 -17.48
CA PHE B 157 -39.74 15.71 -16.87
C PHE B 157 -38.82 15.51 -15.67
N MET B 158 -37.62 16.10 -15.69
CA MET B 158 -36.71 15.96 -14.55
C MET B 158 -37.22 16.73 -13.34
N GLU B 159 -37.73 17.94 -13.55
CA GLU B 159 -38.34 18.70 -12.46
C GLU B 159 -39.43 17.88 -11.79
N GLN B 160 -40.33 17.31 -12.59
CA GLN B 160 -41.43 16.54 -12.01
C GLN B 160 -40.90 15.35 -11.21
N ALA B 161 -39.90 14.65 -11.75
CA ALA B 161 -39.39 13.47 -11.05
C ALA B 161 -38.83 13.84 -9.67
N PHE B 162 -38.08 14.94 -9.59
CA PHE B 162 -37.53 15.35 -8.30
C PHE B 162 -38.64 15.75 -7.33
N LEU B 163 -39.67 16.46 -7.82
CA LEU B 163 -40.76 16.87 -6.94
C LEU B 163 -41.51 15.66 -6.41
N TYR B 164 -41.80 14.70 -7.28
CA TYR B 164 -42.46 13.47 -6.84
C TYR B 164 -41.62 12.75 -5.81
N ALA B 165 -40.31 12.66 -6.02
CA ALA B 165 -39.47 11.96 -5.06
C ALA B 165 -39.45 12.69 -3.73
N TYR B 166 -39.23 14.01 -3.76
CA TYR B 166 -39.28 14.84 -2.56
C TYR B 166 -40.59 14.67 -1.80
N GLU B 167 -41.72 14.70 -2.52
CA GLU B 167 -43.02 14.51 -1.87
C GLU B 167 -43.08 13.17 -1.15
N ALA B 168 -42.55 12.11 -1.76
CA ALA B 168 -42.64 10.78 -1.16
C ALA B 168 -41.78 10.65 0.09
N ASP B 169 -40.63 11.34 0.14
CA ASP B 169 -39.77 11.31 1.32
C ASP B 169 -38.98 12.61 1.38
N PRO B 170 -39.50 13.61 2.11
CA PRO B 170 -38.80 14.91 2.18
C PRO B 170 -37.44 14.85 2.86
N ASP B 171 -37.11 13.75 3.55
CA ASP B 171 -35.82 13.64 4.21
C ASP B 171 -34.74 13.04 3.32
N ALA B 172 -35.08 12.46 2.17
CA ALA B 172 -34.07 11.81 1.35
C ALA B 172 -33.25 12.85 0.60
N LEU B 173 -31.97 12.54 0.40
CA LEU B 173 -31.14 13.34 -0.48
C LEU B 173 -31.35 12.88 -1.92
N LEU B 174 -31.65 13.82 -2.81
CA LEU B 174 -32.04 13.53 -4.19
C LEU B 174 -30.90 13.91 -5.13
N PHE B 175 -30.55 12.98 -6.04
CA PHE B 175 -29.36 13.10 -6.87
C PHE B 175 -29.69 13.08 -8.35
N TYR B 176 -28.93 13.86 -9.12
CA TYR B 176 -28.73 13.61 -10.54
C TYR B 176 -27.42 12.85 -10.74
N ASN B 177 -27.47 11.74 -11.50
CA ASN B 177 -26.35 10.81 -11.62
C ASN B 177 -26.01 10.61 -13.10
N ASP B 178 -24.71 10.54 -13.42
CA ASP B 178 -24.24 10.49 -14.81
C ASP B 178 -22.78 10.02 -14.90
N TYR B 179 -22.38 9.58 -16.10
CA TYR B 179 -21.04 9.10 -16.39
C TYR B 179 -20.35 10.04 -17.38
N ASN B 180 -19.05 9.80 -17.60
CA ASN B 180 -18.18 10.71 -18.36
C ASN B 180 -18.26 12.13 -17.81
N GLU B 181 -18.51 12.22 -16.50
CA GLU B 181 -18.78 13.47 -15.79
C GLU B 181 -17.58 14.40 -15.71
N CYS B 182 -16.37 13.96 -16.06
CA CYS B 182 -15.21 14.84 -15.97
C CYS B 182 -14.68 15.33 -17.32
N PHE B 183 -15.17 14.79 -18.42
CA PHE B 183 -14.82 15.33 -19.71
C PHE B 183 -15.41 16.72 -19.84
N PRO B 184 -14.59 17.74 -20.16
CA PRO B 184 -15.03 19.14 -19.97
C PRO B 184 -16.36 19.46 -20.65
N GLU B 185 -16.58 18.98 -21.87
CA GLU B 185 -17.79 19.36 -22.58
C GLU B 185 -19.03 18.80 -21.89
N LYS B 186 -19.00 17.52 -21.51
CA LYS B 186 -20.13 16.96 -20.78
C LYS B 186 -20.23 17.52 -19.36
N ARG B 187 -19.09 17.88 -18.76
CA ARG B 187 -19.11 18.49 -17.43
C ARG B 187 -19.89 19.79 -17.41
N GLU B 188 -19.75 20.61 -18.46
CA GLU B 188 -20.44 21.89 -18.48
C GLU B 188 -21.94 21.70 -18.68
N LYS B 189 -22.33 20.76 -19.55
CA LYS B 189 -23.74 20.42 -19.71
C LYS B 189 -24.37 19.97 -18.39
N ILE B 190 -23.69 19.08 -17.67
CA ILE B 190 -24.20 18.59 -16.38
C ILE B 190 -24.27 19.73 -15.38
N PHE B 191 -23.28 20.62 -15.39
CA PHE B 191 -23.31 21.77 -14.49
C PHE B 191 -24.47 22.70 -14.84
N ALA B 192 -24.64 23.01 -16.14
CA ALA B 192 -25.74 23.87 -16.56
C ALA B 192 -27.08 23.27 -16.15
N LEU B 193 -27.27 21.97 -16.39
CA LEU B 193 -28.54 21.33 -16.08
C LEU B 193 -28.86 21.41 -14.60
N VAL B 194 -27.90 21.05 -13.74
CA VAL B 194 -28.19 21.03 -12.30
C VAL B 194 -28.38 22.45 -11.78
N LYS B 195 -27.60 23.42 -12.29
CA LYS B 195 -27.78 24.82 -11.91
C LYS B 195 -29.19 25.29 -12.23
N SER B 196 -29.66 24.99 -13.44
CA SER B 196 -31.01 25.33 -13.84
C SER B 196 -32.03 24.83 -12.82
N LEU B 197 -31.97 23.54 -12.47
CA LEU B 197 -32.93 22.98 -11.53
C LEU B 197 -32.77 23.59 -10.13
N ARG B 198 -31.51 23.80 -9.70
CA ARG B 198 -31.28 24.46 -8.42
C ARG B 198 -31.92 25.85 -8.40
N ASP B 199 -31.64 26.65 -9.43
CA ASP B 199 -32.11 28.03 -9.44
C ASP B 199 -33.63 28.12 -9.54
N LYS B 200 -34.28 27.17 -10.22
CA LYS B 200 -35.74 27.10 -10.22
C LYS B 200 -36.32 26.65 -8.88
N GLY B 201 -35.50 26.33 -7.89
CA GLY B 201 -35.99 25.87 -6.59
C GLY B 201 -36.32 24.39 -6.49
N ILE B 202 -35.93 23.57 -7.47
CA ILE B 202 -36.28 22.15 -7.48
C ILE B 202 -35.49 21.42 -6.38
N PRO B 203 -36.11 20.52 -5.63
CA PRO B 203 -35.37 19.83 -4.56
C PRO B 203 -34.39 18.81 -5.10
N ILE B 204 -33.25 19.28 -5.60
CA ILE B 204 -32.15 18.43 -6.02
C ILE B 204 -30.96 18.76 -5.13
N HIS B 205 -30.43 17.75 -4.45
CA HIS B 205 -29.44 17.97 -3.40
C HIS B 205 -28.04 17.50 -3.75
N GLY B 206 -27.87 16.64 -4.74
CA GLY B 206 -26.56 16.06 -5.01
C GLY B 206 -26.34 15.74 -6.47
N ILE B 207 -25.06 15.69 -6.84
CA ILE B 207 -24.63 15.22 -8.14
C ILE B 207 -23.93 13.89 -7.92
N GLY B 208 -24.28 12.89 -8.73
CA GLY B 208 -23.60 11.62 -8.66
C GLY B 208 -22.62 11.47 -9.79
N MET B 209 -21.33 11.38 -9.46
CA MET B 209 -20.27 11.13 -10.44
C MET B 209 -20.06 9.62 -10.49
N GLN B 210 -20.43 9.01 -11.62
CA GLN B 210 -20.33 7.56 -11.73
C GLN B 210 -18.87 7.09 -11.67
N ALA B 211 -17.96 7.81 -12.33
CA ALA B 211 -16.52 7.52 -12.27
C ALA B 211 -16.18 6.13 -12.82
N HIS B 212 -16.69 5.84 -14.01
CA HIS B 212 -16.26 4.65 -14.77
C HIS B 212 -15.04 5.08 -15.58
N TRP B 213 -13.86 4.89 -15.00
CA TRP B 213 -12.64 5.48 -15.53
C TRP B 213 -11.71 4.42 -16.11
N SER B 214 -10.68 4.88 -16.80
CA SER B 214 -9.60 4.04 -17.30
C SER B 214 -8.31 4.38 -16.54
N LEU B 215 -7.22 3.73 -16.95
CA LEU B 215 -5.92 4.01 -16.31
C LEU B 215 -5.42 5.42 -16.60
N THR B 216 -5.93 6.08 -17.65
CA THR B 216 -5.44 7.41 -18.00
C THR B 216 -6.55 8.46 -18.12
N ARG B 217 -7.73 8.07 -18.56
CA ARG B 217 -8.78 9.09 -18.72
C ARG B 217 -9.90 8.88 -17.72
N PRO B 218 -10.40 9.97 -17.09
CA PRO B 218 -9.93 11.34 -17.28
C PRO B 218 -8.62 11.61 -16.55
N SER B 219 -7.97 12.72 -16.86
CA SER B 219 -6.77 13.11 -16.15
C SER B 219 -7.11 13.61 -14.75
N LEU B 220 -6.12 13.57 -13.86
CA LEU B 220 -6.33 14.12 -12.52
C LEU B 220 -6.79 15.57 -12.57
N ASP B 221 -6.24 16.34 -13.51
CA ASP B 221 -6.65 17.74 -13.63
C ASP B 221 -8.12 17.85 -14.02
N GLU B 222 -8.60 16.97 -14.92
CA GLU B 222 -10.02 17.01 -15.29
C GLU B 222 -10.91 16.64 -14.10
N ILE B 223 -10.50 15.63 -13.31
CA ILE B 223 -11.28 15.25 -12.13
C ILE B 223 -11.32 16.39 -11.13
N ARG B 224 -10.19 17.05 -10.91
CA ARG B 224 -10.19 18.16 -9.96
C ARG B 224 -11.07 19.29 -10.47
N ALA B 225 -10.96 19.62 -11.75
CA ALA B 225 -11.81 20.63 -12.37
C ALA B 225 -13.29 20.30 -12.16
N ALA B 226 -13.67 19.05 -12.41
CA ALA B 226 -15.07 18.66 -12.28
C ALA B 226 -15.56 18.80 -10.84
N ILE B 227 -14.77 18.32 -9.87
CA ILE B 227 -15.17 18.37 -8.48
C ILE B 227 -15.43 19.80 -8.02
N GLU B 228 -14.56 20.72 -8.41
CA GLU B 228 -14.75 22.12 -8.00
C GLU B 228 -15.92 22.75 -8.72
N ARG B 229 -16.09 22.44 -10.01
CA ARG B 229 -17.22 22.97 -10.75
C ARG B 229 -18.54 22.53 -10.11
N TYR B 230 -18.70 21.22 -9.90
CA TYR B 230 -19.93 20.70 -9.34
C TYR B 230 -20.15 21.20 -7.91
N ALA B 231 -19.09 21.20 -7.09
CA ALA B 231 -19.22 21.65 -5.71
C ALA B 231 -19.62 23.12 -5.63
N SER B 232 -19.19 23.94 -6.60
CA SER B 232 -19.54 25.35 -6.57
C SER B 232 -21.04 25.59 -6.66
N LEU B 233 -21.83 24.55 -7.00
CA LEU B 233 -23.28 24.65 -6.96
C LEU B 233 -23.86 24.45 -5.57
N GLY B 234 -23.04 24.11 -4.57
CA GLY B 234 -23.56 23.88 -3.24
C GLY B 234 -24.24 22.54 -3.05
N VAL B 235 -24.06 21.59 -3.96
CA VAL B 235 -24.65 20.26 -3.86
C VAL B 235 -23.69 19.33 -3.13
N VAL B 236 -24.25 18.25 -2.57
CA VAL B 236 -23.47 17.10 -2.13
C VAL B 236 -22.89 16.38 -3.36
N LEU B 237 -21.70 15.80 -3.22
CA LEU B 237 -21.09 14.99 -4.27
C LEU B 237 -20.92 13.55 -3.80
N HIS B 238 -21.40 12.60 -4.60
CA HIS B 238 -21.13 11.19 -4.39
C HIS B 238 -20.42 10.61 -5.62
N ILE B 239 -19.41 9.80 -5.36
CA ILE B 239 -18.83 8.95 -6.40
C ILE B 239 -19.65 7.67 -6.36
N THR B 240 -20.38 7.37 -7.44
CA THR B 240 -21.42 6.36 -7.32
C THR B 240 -21.09 5.01 -7.95
N GLY B 241 -20.15 4.92 -8.89
CA GLY B 241 -19.88 3.62 -9.49
C GLY B 241 -18.42 3.41 -9.88
N LEU B 242 -17.51 3.76 -8.99
CA LEU B 242 -16.10 3.81 -9.35
C LEU B 242 -15.57 2.44 -9.78
N ASP B 243 -14.91 2.41 -10.93
CA ASP B 243 -14.02 1.30 -11.31
C ASP B 243 -12.94 1.86 -12.22
N VAL B 244 -11.83 1.13 -12.32
CA VAL B 244 -10.66 1.55 -13.11
C VAL B 244 -10.36 0.45 -14.12
N SER B 245 -10.86 0.62 -15.34
CA SER B 245 -10.76 -0.45 -16.32
C SER B 245 -9.32 -0.65 -16.77
N MET B 246 -8.92 -1.91 -16.96
CA MET B 246 -7.59 -2.21 -17.46
C MET B 246 -7.44 -1.93 -18.95
N PHE B 247 -8.50 -1.53 -19.64
CA PHE B 247 -8.48 -1.23 -21.06
C PHE B 247 -9.00 0.19 -21.28
N GLU B 248 -8.35 0.94 -22.16
CA GLU B 248 -8.94 2.20 -22.61
C GLU B 248 -10.23 1.91 -23.39
N PHE B 249 -11.14 2.89 -23.40
CA PHE B 249 -12.50 2.57 -23.82
C PHE B 249 -12.55 2.08 -25.26
N HIS B 250 -11.70 2.63 -26.14
CA HIS B 250 -11.67 2.18 -27.53
C HIS B 250 -10.92 0.87 -27.72
N ASP B 251 -10.23 0.36 -26.69
CA ASP B 251 -9.41 -0.84 -26.82
C ASP B 251 -10.28 -2.07 -26.62
N ARG B 252 -10.56 -2.79 -27.70
CA ARG B 252 -11.44 -3.95 -27.65
C ARG B 252 -10.67 -5.26 -27.78
N ARG B 253 -9.39 -5.27 -27.43
CA ARG B 253 -8.60 -6.50 -27.50
C ARG B 253 -9.15 -7.53 -26.53
N THR B 254 -8.97 -8.81 -26.90
CA THR B 254 -9.56 -9.94 -26.21
C THR B 254 -8.55 -11.03 -25.95
N ASP B 255 -7.25 -10.73 -26.08
CA ASP B 255 -6.19 -11.73 -26.02
C ASP B 255 -5.60 -11.92 -24.62
N LEU B 256 -5.98 -11.12 -23.64
CA LEU B 256 -5.35 -11.18 -22.32
C LEU B 256 -6.17 -12.07 -21.40
N ALA B 257 -5.55 -13.13 -20.88
CA ALA B 257 -6.24 -13.99 -19.93
C ALA B 257 -6.00 -13.60 -18.48
N ALA B 258 -5.06 -12.69 -18.23
CA ALA B 258 -4.71 -12.18 -16.92
C ALA B 258 -4.13 -10.80 -17.12
N PRO B 259 -4.24 -9.92 -16.14
CA PRO B 259 -3.65 -8.59 -16.31
C PRO B 259 -2.13 -8.68 -16.28
N THR B 260 -1.49 -7.81 -17.05
CA THR B 260 -0.05 -7.71 -17.05
C THR B 260 0.42 -6.97 -15.81
N SER B 261 1.70 -7.16 -15.47
CA SER B 261 2.22 -6.47 -14.28
C SER B 261 2.19 -4.96 -14.48
N GLU B 262 2.35 -4.50 -15.73
CA GLU B 262 2.28 -3.07 -15.99
CA GLU B 262 2.28 -3.07 -15.99
C GLU B 262 0.87 -2.52 -15.75
N MET B 263 -0.15 -3.34 -16.06
CA MET B 263 -1.52 -2.94 -15.76
C MET B 263 -1.76 -2.91 -14.26
N ILE B 264 -1.29 -3.94 -13.56
CA ILE B 264 -1.43 -4.00 -12.11
C ILE B 264 -0.75 -2.80 -11.45
N GLU B 265 0.46 -2.48 -11.90
CA GLU B 265 1.20 -1.41 -11.23
C GLU B 265 0.63 -0.03 -11.58
N ARG B 266 0.23 0.18 -12.83
CA ARG B 266 -0.35 1.47 -13.16
C ARG B 266 -1.74 1.63 -12.54
N GLN B 267 -2.50 0.54 -12.46
CA GLN B 267 -3.78 0.63 -11.74
C GLN B 267 -3.56 1.04 -10.29
N ALA B 268 -2.52 0.48 -9.65
CA ALA B 268 -2.23 0.81 -8.26
C ALA B 268 -1.90 2.28 -8.09
N GLU B 269 -1.04 2.81 -8.96
CA GLU B 269 -0.73 4.25 -8.90
C GLU B 269 -1.96 5.09 -9.23
N ARG B 270 -2.75 4.67 -10.22
CA ARG B 270 -3.99 5.38 -10.54
C ARG B 270 -4.93 5.44 -9.34
N TYR B 271 -5.17 4.31 -8.67
CA TYR B 271 -6.06 4.33 -7.51
C TYR B 271 -5.46 5.13 -6.35
N GLY B 272 -4.13 5.11 -6.20
CA GLY B 272 -3.50 5.97 -5.20
C GLY B 272 -3.75 7.44 -5.48
N GLN B 273 -3.48 7.89 -6.71
CA GLN B 273 -3.75 9.27 -7.08
C GLN B 273 -5.23 9.63 -6.88
N ILE B 274 -6.14 8.72 -7.27
CA ILE B 274 -7.57 9.01 -7.20
C ILE B 274 -7.99 9.25 -5.75
N PHE B 275 -7.58 8.36 -4.85
CA PHE B 275 -8.03 8.49 -3.48
C PHE B 275 -7.35 9.63 -2.73
N ALA B 276 -6.12 10.00 -3.11
CA ALA B 276 -5.52 11.21 -2.56
C ALA B 276 -6.32 12.43 -2.95
N LEU B 277 -6.76 12.48 -4.21
CA LEU B 277 -7.57 13.60 -4.66
C LEU B 277 -8.94 13.62 -3.98
N PHE B 278 -9.55 12.46 -3.78
CA PHE B 278 -10.83 12.40 -3.06
C PHE B 278 -10.69 12.89 -1.62
N LYS B 279 -9.67 12.38 -0.91
CA LYS B 279 -9.41 12.80 0.47
C LYS B 279 -9.17 14.30 0.56
N GLU B 280 -8.49 14.86 -0.44
CA GLU B 280 -8.28 16.30 -0.49
C GLU B 280 -9.61 17.05 -0.54
N TYR B 281 -10.63 16.46 -1.15
CA TYR B 281 -11.93 17.11 -1.27
C TYR B 281 -12.97 16.50 -0.35
N ARG B 282 -12.53 15.97 0.81
CA ARG B 282 -13.44 15.36 1.78
C ARG B 282 -14.55 16.29 2.21
N ASP B 283 -14.37 17.61 2.08
CA ASP B 283 -15.41 18.54 2.50
C ASP B 283 -16.63 18.51 1.59
N VAL B 284 -16.46 18.13 0.32
CA VAL B 284 -17.61 18.06 -0.60
C VAL B 284 -17.98 16.64 -1.00
N ILE B 285 -17.08 15.67 -0.87
CA ILE B 285 -17.39 14.28 -1.21
C ILE B 285 -17.82 13.57 0.06
N GLN B 286 -19.06 13.09 0.08
CA GLN B 286 -19.56 12.40 1.26
C GLN B 286 -19.57 10.89 1.11
N SER B 287 -19.42 10.35 -0.09
CA SER B 287 -19.53 8.91 -0.29
C SER B 287 -18.84 8.47 -1.57
N VAL B 288 -18.09 7.38 -1.48
CA VAL B 288 -17.44 6.76 -2.63
C VAL B 288 -17.91 5.31 -2.71
N THR B 289 -18.69 5.00 -3.75
CA THR B 289 -19.18 3.65 -4.00
C THR B 289 -18.48 3.09 -5.23
N PHE B 290 -17.95 1.86 -5.10
CA PHE B 290 -17.45 1.08 -6.23
C PHE B 290 -18.61 0.38 -6.92
N TRP B 291 -18.50 0.18 -8.24
CA TRP B 291 -19.50 -0.61 -8.96
C TRP B 291 -19.18 -2.11 -8.87
N GLY B 292 -19.13 -2.59 -7.63
CA GLY B 292 -18.73 -3.95 -7.29
C GLY B 292 -17.88 -3.90 -6.05
N ILE B 293 -17.07 -4.93 -5.84
CA ILE B 293 -16.07 -4.84 -4.77
C ILE B 293 -14.85 -5.71 -5.08
N ALA B 294 -15.03 -6.79 -5.85
CA ALA B 294 -13.91 -7.67 -6.15
C ALA B 294 -14.00 -8.18 -7.58
N ASP B 295 -12.84 -8.49 -8.17
CA ASP B 295 -12.78 -8.76 -9.60
C ASP B 295 -13.50 -10.04 -10.01
N ASP B 296 -14.05 -10.83 -9.07
CA ASP B 296 -14.87 -11.96 -9.52
C ASP B 296 -16.26 -11.54 -10.01
N HIS B 297 -16.65 -10.27 -9.85
N HIS B 297 -16.64 -10.27 -9.90
CA HIS B 297 -17.91 -9.78 -10.41
CA HIS B 297 -17.91 -9.84 -10.49
C HIS B 297 -17.73 -8.33 -10.83
C HIS B 297 -17.81 -8.36 -10.84
N THR B 298 -17.83 -8.06 -12.13
CA THR B 298 -17.76 -6.70 -12.62
C THR B 298 -18.46 -6.66 -13.96
N TRP B 299 -19.34 -5.66 -14.14
CA TRP B 299 -20.02 -5.48 -15.41
C TRP B 299 -19.05 -5.22 -16.56
N LEU B 300 -17.80 -4.87 -16.27
CA LEU B 300 -16.85 -4.67 -17.37
C LEU B 300 -16.38 -5.99 -17.97
N ASP B 301 -16.73 -7.12 -17.38
CA ASP B 301 -16.46 -8.41 -17.99
C ASP B 301 -17.27 -8.61 -19.26
N ASN B 302 -18.28 -7.77 -19.50
CA ASN B 302 -19.16 -7.92 -20.65
C ASN B 302 -19.44 -6.62 -21.37
N PHE B 303 -18.83 -5.51 -20.95
CA PHE B 303 -18.99 -4.24 -21.58
C PHE B 303 -17.63 -3.56 -21.53
N PRO B 304 -17.14 -2.98 -22.63
CA PRO B 304 -17.79 -2.96 -23.95
C PRO B 304 -17.57 -4.19 -24.83
N VAL B 305 -16.88 -5.21 -24.33
CA VAL B 305 -16.67 -6.46 -25.07
C VAL B 305 -17.27 -7.61 -24.28
N HIS B 306 -18.09 -8.43 -24.94
CA HIS B 306 -18.74 -9.55 -24.29
C HIS B 306 -17.75 -10.68 -24.06
N GLY B 307 -17.76 -11.26 -22.86
CA GLY B 307 -16.87 -12.36 -22.56
C GLY B 307 -15.38 -12.02 -22.46
N ARG B 308 -15.03 -10.74 -22.25
CA ARG B 308 -13.63 -10.34 -22.03
C ARG B 308 -13.42 -9.98 -20.56
N LYS B 309 -12.61 -10.76 -19.87
CA LYS B 309 -12.38 -10.51 -18.45
C LYS B 309 -11.66 -9.18 -18.24
N ASN B 310 -12.12 -8.42 -17.24
CA ASN B 310 -11.44 -7.20 -16.81
C ASN B 310 -11.08 -7.33 -15.33
N TRP B 311 -10.26 -6.43 -14.81
CA TRP B 311 -9.79 -6.50 -13.41
C TRP B 311 -9.83 -5.12 -12.77
N PRO B 312 -11.02 -4.56 -12.57
CA PRO B 312 -11.17 -3.12 -12.33
C PRO B 312 -11.15 -2.67 -10.88
N LEU B 313 -11.07 -3.57 -9.90
CA LEU B 313 -11.40 -3.22 -8.51
C LEU B 313 -10.19 -3.43 -7.58
N LEU B 314 -10.42 -3.20 -6.28
CA LEU B 314 -9.35 -3.24 -5.28
C LEU B 314 -9.00 -4.66 -4.82
N PHE B 315 -9.90 -5.62 -4.98
CA PHE B 315 -9.67 -7.00 -4.56
C PHE B 315 -9.75 -7.92 -5.76
N ASP B 316 -8.94 -8.97 -5.74
CA ASP B 316 -8.85 -9.84 -6.89
C ASP B 316 -9.93 -10.91 -6.80
N GLU B 317 -9.93 -11.84 -7.77
CA GLU B 317 -10.97 -12.87 -7.86
C GLU B 317 -10.97 -13.82 -6.67
N GLN B 318 -9.89 -13.87 -5.91
CA GLN B 318 -9.84 -14.65 -4.67
C GLN B 318 -10.11 -13.79 -3.44
N HIS B 319 -10.58 -12.56 -3.65
CA HIS B 319 -10.94 -11.62 -2.59
C HIS B 319 -9.72 -11.21 -1.77
N LYS B 320 -8.53 -11.34 -2.37
CA LYS B 320 -7.28 -10.87 -1.80
C LYS B 320 -7.01 -9.44 -2.25
N PRO B 321 -6.38 -8.63 -1.40
CA PRO B 321 -6.08 -7.24 -1.77
C PRO B 321 -5.02 -7.18 -2.87
N LYS B 322 -5.28 -6.35 -3.88
CA LYS B 322 -4.35 -6.09 -4.97
C LYS B 322 -3.48 -4.90 -4.62
N PRO B 323 -2.41 -4.65 -5.39
CA PRO B 323 -1.65 -3.42 -5.18
C PRO B 323 -2.51 -2.16 -5.10
N ALA B 324 -3.55 -2.07 -5.93
CA ALA B 324 -4.48 -0.94 -5.86
C ALA B 324 -5.03 -0.74 -4.46
N PHE B 325 -5.38 -1.84 -3.76
CA PHE B 325 -5.86 -1.70 -2.39
C PHE B 325 -4.83 -1.00 -1.50
N TRP B 326 -3.59 -1.49 -1.51
CA TRP B 326 -2.58 -0.95 -0.60
C TRP B 326 -2.23 0.49 -0.92
N ARG B 327 -2.21 0.86 -2.21
CA ARG B 327 -1.98 2.26 -2.54
C ARG B 327 -3.16 3.14 -2.12
N ALA B 328 -4.39 2.65 -2.26
CA ALA B 328 -5.54 3.50 -1.93
C ALA B 328 -5.57 3.83 -0.46
N VAL B 329 -5.30 2.85 0.42
CA VAL B 329 -5.37 3.12 1.86
C VAL B 329 -4.11 3.79 2.38
N SER B 330 -3.08 3.91 1.54
CA SER B 330 -1.82 4.56 1.90
C SER B 330 -1.92 6.07 1.98
N VAL B 331 -3.01 6.67 1.47
CA VAL B 331 -3.08 8.12 1.23
C VAL B 331 -3.36 8.93 2.49
C1 A1ID6 C . 25.13 -10.16 10.06
C2 A1ID6 C . 26.63 -9.98 10.10
C3 A1ID6 C . 27.08 -9.90 8.64
C4 A1ID6 C . 26.83 -11.27 8.05
C5 A1ID6 C . 25.34 -11.61 8.17
O2 A1ID6 C . 27.02 -8.85 10.89
O3 A1ID6 C . 28.45 -9.55 8.53
O4 A1ID6 C . 27.14 -11.27 6.67
O5 A1ID6 C . 24.87 -11.46 9.52
F1 A1ID6 C . 24.49 -9.15 9.34
C1 XYP C . 27.06 -12.59 6.18
C2 XYP C . 27.31 -12.55 4.68
C3 XYP C . 27.76 -13.92 4.19
C4 XYP C . 29.09 -14.29 4.85
C5 XYP C . 29.18 -13.85 6.32
O2 XYP C . 26.10 -12.15 4.02
O3 XYP C . 27.88 -13.82 2.76
O4 XYP C . 29.38 -15.69 4.72
O5 XYP C . 27.95 -13.46 6.91
C1 A1ID6 D . -23.98 3.14 -14.59
C2 A1ID6 D . -25.48 2.90 -14.49
C3 A1ID6 D . -25.66 1.54 -13.85
C4 A1ID6 D . -25.05 0.53 -14.81
C5 A1ID6 D . -23.57 0.83 -14.97
O2 A1ID6 D . -26.09 3.92 -13.72
O3 A1ID6 D . -27.04 1.25 -13.61
O4 A1ID6 D . -25.24 -0.76 -14.27
O5 A1ID6 D . -23.40 2.17 -15.46
F1 A1ID6 D . -23.38 3.12 -13.34
C1 XYP D . -25.24 -1.76 -15.28
C2 XYP D . -25.17 -3.07 -14.51
C3 XYP D . -25.36 -4.26 -15.46
C4 XYP D . -26.65 -4.07 -16.28
C5 XYP D . -26.60 -2.74 -17.03
O2 XYP D . -23.91 -3.12 -13.80
O3 XYP D . -25.41 -5.44 -14.67
O4 XYP D . -26.79 -5.12 -17.26
O5 XYP D . -26.41 -1.66 -16.11
#